data_4L36
#
_entry.id   4L36
#
_cell.length_a   46.316
_cell.length_b   52.595
_cell.length_c   88.245
_cell.angle_alpha   77.76
_cell.angle_beta   82.17
_cell.angle_gamma   68.36
#
_symmetry.space_group_name_H-M   'P 1'
#
loop_
_entity.id
_entity.type
_entity.pdbx_description
1 polymer 'Putative P450-like protein'
2 non-polymer 'HEME B/C'
3 non-polymer IMIDAZOLE
4 water water
#
_entity_poly.entity_id   1
_entity_poly.type   'polypeptide(L)'
_entity_poly.pdbx_seq_one_letter_code
;MGSSHHHHHHSSGLVPRGSHMTVPSPLADPSIVPDPYPVYADLAQRRPVHWVERLNAWAVLTYADCAAGLKDPRLTADRG
TEVLAAKFPGQPLPPDNIFHRWTKNVVMYTDPPLHDALRRSVRAGFTRAAHQHYDQVLQKVAHDLVASIPAGATEIDAVP
ALAAELPVRSAVHAFGVPEEDLGFLIPRVNTIMTYHSGPKDQPVTQEIILEKLTDLHTYASELLQGMRGKVLPDTVIARL
AAAQDGLTETTPEQTVHQLALVFIALFAPTTPGSLSSGTLAFARNPRQVERFLADQACVDNTANEVLRYNASNQFTWRVA
AKDVEMGGVRIEAGQTLALFLGSANRDANMFERPNDFDLDRPNSARHLSFGQGVHACLAAQLISLQLKWFYVALLNRFPG
IRTAGEPIWNENLEFRSLRSLPLSLR
;
_entity_poly.pdbx_strand_id   A,B
#
loop_
_chem_comp.id
_chem_comp.type
_chem_comp.name
_chem_comp.formula
HEB non-polymer 'HEME B/C' 'C34 H34 Fe N4 O4'
IMD non-polymer IMIDAZOLE 'C3 H5 N2 1'
#
# COMPACT_ATOMS: atom_id res chain seq x y z
N THR A 22 20.20 15.33 34.97
CA THR A 22 21.11 14.23 34.64
C THR A 22 20.43 12.87 34.85
N VAL A 23 19.11 12.84 34.66
CA VAL A 23 18.37 11.58 34.82
C VAL A 23 18.68 10.65 33.64
N PRO A 24 19.22 9.46 33.95
CA PRO A 24 19.53 8.46 32.91
C PRO A 24 18.29 8.03 32.14
N SER A 25 18.47 7.51 30.93
CA SER A 25 17.35 7.08 30.10
C SER A 25 17.18 5.56 30.15
N PRO A 26 15.92 5.10 30.15
CA PRO A 26 15.63 3.66 30.13
C PRO A 26 15.91 3.02 28.77
N LEU A 27 16.42 3.83 27.85
CA LEU A 27 17.12 3.32 26.68
C LEU A 27 18.50 2.94 27.21
N ALA A 28 19.55 3.05 26.40
CA ALA A 28 20.92 2.87 26.91
C ALA A 28 21.21 1.56 27.67
N ASP A 29 20.31 1.17 28.59
CA ASP A 29 20.47 -0.06 29.37
C ASP A 29 19.97 -1.30 28.62
N PRO A 30 20.82 -2.35 28.57
CA PRO A 30 20.64 -3.54 27.72
C PRO A 30 19.38 -4.35 28.01
N SER A 31 18.86 -4.26 29.23
CA SER A 31 17.69 -5.03 29.67
C SER A 31 16.47 -4.87 28.75
N ILE A 32 16.42 -3.76 28.02
CA ILE A 32 15.28 -3.49 27.14
C ILE A 32 15.43 -4.05 25.73
N VAL A 33 16.62 -4.55 25.40
CA VAL A 33 16.89 -5.05 24.04
C VAL A 33 15.92 -6.13 23.52
N PRO A 34 15.71 -7.22 24.30
CA PRO A 34 14.78 -8.26 23.81
C PRO A 34 13.36 -7.78 23.50
N ASP A 35 12.91 -6.70 24.16
CA ASP A 35 11.59 -6.13 23.90
C ASP A 35 11.55 -4.65 24.29
N PRO A 36 12.07 -3.77 23.41
CA PRO A 36 12.24 -2.34 23.69
C PRO A 36 11.02 -1.49 23.40
N TYR A 37 10.01 -2.08 22.77
CA TYR A 37 8.85 -1.31 22.31
C TYR A 37 7.95 -0.69 23.39
N PRO A 38 7.64 -1.43 24.47
CA PRO A 38 6.87 -0.77 25.54
C PRO A 38 7.64 0.40 26.15
N VAL A 39 8.96 0.26 26.27
CA VAL A 39 9.81 1.32 26.79
C VAL A 39 9.75 2.55 25.88
N TYR A 40 9.91 2.30 24.57
CA TYR A 40 9.75 3.32 23.55
C TYR A 40 8.43 4.04 23.70
N ALA A 41 7.37 3.30 24.03
CA ALA A 41 6.05 3.88 24.19
C ALA A 41 5.95 4.77 25.41
N ASP A 42 6.42 4.23 26.54
CA ASP A 42 6.50 4.95 27.81
C ASP A 42 7.14 6.30 27.57
N LEU A 43 8.34 6.28 27.01
CA LEU A 43 9.11 7.48 26.77
C LEU A 43 8.47 8.41 25.73
N ALA A 44 7.90 7.83 24.68
CA ALA A 44 7.28 8.62 23.63
C ALA A 44 6.07 9.40 24.13
N GLN A 45 5.37 8.83 25.10
CA GLN A 45 4.19 9.48 25.68
C GLN A 45 4.55 10.86 26.24
N ARG A 46 5.59 10.91 27.07
CA ARG A 46 6.00 12.16 27.72
C ARG A 46 7.22 12.83 27.06
N ARG A 47 8.24 12.04 26.72
CA ARG A 47 9.53 12.58 26.26
C ARG A 47 9.98 12.04 24.90
N PRO A 48 9.26 12.43 23.82
CA PRO A 48 9.52 11.96 22.46
C PRO A 48 10.90 12.37 21.95
N VAL A 49 11.41 13.49 22.47
CA VAL A 49 12.79 13.90 22.24
C VAL A 49 13.42 14.17 23.60
N HIS A 50 14.45 13.42 23.96
CA HIS A 50 15.11 13.65 25.24
C HIS A 50 16.57 13.25 25.24
N TRP A 51 17.30 13.63 26.28
CA TRP A 51 18.74 13.41 26.31
C TRP A 51 19.10 11.99 26.74
N VAL A 52 19.97 11.35 25.97
CA VAL A 52 20.51 10.06 26.38
C VAL A 52 21.98 10.19 26.75
N GLU A 53 22.23 10.16 28.06
CA GLU A 53 23.57 10.29 28.63
C GLU A 53 24.64 9.38 28.02
N ARG A 54 24.28 8.13 27.76
CA ARG A 54 25.28 7.13 27.34
C ARG A 54 25.46 7.08 25.83
N LEU A 55 24.55 7.73 25.11
CA LEU A 55 24.66 7.83 23.66
C LEU A 55 25.26 9.17 23.26
N ASN A 56 25.40 10.06 24.24
CA ASN A 56 25.83 11.44 23.99
C ASN A 56 24.94 12.09 22.94
N ALA A 57 23.64 11.79 22.99
CA ALA A 57 22.75 12.21 21.93
C ALA A 57 21.31 12.39 22.39
N TRP A 58 20.58 13.23 21.65
CA TRP A 58 19.14 13.38 21.83
C TRP A 58 18.40 12.27 21.11
N ALA A 59 17.80 11.36 21.86
CA ALA A 59 16.93 10.35 21.28
C ALA A 59 15.61 10.98 20.81
N VAL A 60 15.20 10.61 19.60
CA VAL A 60 13.88 11.00 19.08
C VAL A 60 13.06 9.76 18.69
N LEU A 61 11.78 9.75 19.06
CA LEU A 61 11.02 8.50 19.14
C LEU A 61 9.75 8.41 18.29
N THR A 62 9.15 9.54 17.96
CA THR A 62 7.92 9.51 17.18
C THR A 62 8.21 9.35 15.69
N TYR A 63 7.22 8.85 14.96
CA TYR A 63 7.36 8.68 13.52
C TYR A 63 7.57 10.02 12.83
N ALA A 64 6.72 10.98 13.17
CA ALA A 64 6.76 12.31 12.57
C ALA A 64 8.14 12.95 12.67
N ASP A 65 8.69 12.98 13.88
CA ASP A 65 9.99 13.62 14.11
C ASP A 65 11.17 12.84 13.53
N CYS A 66 11.02 11.52 13.41
CA CYS A 66 12.07 10.70 12.80
C CYS A 66 12.12 10.90 11.29
N ALA A 67 10.96 10.83 10.66
CA ALA A 67 10.85 11.11 9.23
C ALA A 67 11.36 12.52 8.94
N ALA A 68 10.89 13.48 9.74
CA ALA A 68 11.37 14.87 9.64
C ALA A 68 12.89 14.94 9.77
N GLY A 69 13.45 14.18 10.70
CA GLY A 69 14.88 14.17 10.93
C GLY A 69 15.63 13.66 9.72
N LEU A 70 15.15 12.57 9.13
CA LEU A 70 15.78 11.97 7.98
C LEU A 70 15.71 12.86 6.73
N LYS A 71 14.63 13.65 6.62
CA LYS A 71 14.50 14.51 5.43
C LYS A 71 15.22 15.85 5.54
N ASP A 72 15.53 16.26 6.76
CA ASP A 72 15.97 17.62 7.07
C ASP A 72 17.40 17.93 6.62
N PRO A 73 17.56 18.91 5.69
CA PRO A 73 18.87 19.39 5.25
C PRO A 73 19.64 20.12 6.35
N ARG A 74 19.02 20.22 7.51
CA ARG A 74 19.57 20.96 8.65
C ARG A 74 20.40 20.03 9.53
N LEU A 75 20.07 18.75 9.49
CA LEU A 75 20.90 17.73 10.11
C LEU A 75 21.87 17.19 9.07
N THR A 76 23.14 17.08 9.43
CA THR A 76 24.15 16.57 8.51
C THR A 76 24.39 15.08 8.72
N ALA A 77 24.78 14.39 7.64
CA ALA A 77 25.14 12.99 7.73
C ALA A 77 26.63 12.88 8.06
N ASP A 78 27.33 14.02 7.99
CA ASP A 78 28.74 14.09 8.34
C ASP A 78 28.88 13.93 9.85
N ARG A 79 28.99 12.69 10.31
CA ARG A 79 28.89 12.39 11.73
C ARG A 79 29.99 11.49 12.28
N GLY A 80 30.98 11.16 11.45
CA GLY A 80 32.03 10.24 11.84
C GLY A 80 32.74 10.57 13.15
N THR A 81 33.20 11.81 13.27
CA THR A 81 33.91 12.27 14.46
C THR A 81 33.03 12.16 15.71
N GLU A 82 31.77 12.59 15.58
CA GLU A 82 30.83 12.55 16.69
C GLU A 82 30.50 11.12 17.14
N VAL A 83 30.15 10.26 16.19
CA VAL A 83 29.79 8.87 16.50
C VAL A 83 30.99 8.12 17.07
N LEU A 84 32.17 8.40 16.53
CA LEU A 84 33.41 7.75 16.98
C LEU A 84 33.76 8.21 18.38
N ALA A 85 33.57 9.50 18.65
CA ALA A 85 33.71 10.04 20.00
C ALA A 85 32.82 9.24 20.94
N ALA A 86 31.55 9.16 20.59
CA ALA A 86 30.57 8.42 21.38
C ALA A 86 30.98 6.97 21.66
N LYS A 87 31.56 6.32 20.65
CA LYS A 87 31.90 4.90 20.74
C LYS A 87 33.31 4.63 21.27
N PHE A 88 34.23 5.55 21.01
CA PHE A 88 35.59 5.45 21.53
C PHE A 88 36.01 6.76 22.20
N PRO A 89 35.49 7.02 23.42
CA PRO A 89 35.77 8.29 24.12
C PRO A 89 37.27 8.56 24.32
N GLY A 90 37.68 9.80 24.09
CA GLY A 90 39.05 10.20 24.33
C GLY A 90 40.08 9.58 23.39
N GLN A 91 39.60 9.05 22.26
CA GLN A 91 40.51 8.47 21.27
C GLN A 91 40.22 9.08 19.89
N PRO A 92 40.66 10.33 19.68
CA PRO A 92 40.43 11.03 18.42
C PRO A 92 41.36 10.54 17.32
N LEU A 93 40.96 10.69 16.06
CA LEU A 93 41.80 10.30 14.94
C LEU A 93 42.07 11.49 14.03
N PRO A 94 43.32 11.64 13.59
CA PRO A 94 43.72 12.70 12.65
C PRO A 94 42.94 12.62 11.33
N PRO A 95 42.75 13.76 10.64
CA PRO A 95 41.91 13.83 9.43
C PRO A 95 42.39 12.96 8.25
N ASP A 96 43.66 12.55 8.22
CA ASP A 96 44.15 11.71 7.14
C ASP A 96 44.15 10.23 7.50
N ASN A 97 43.63 9.91 8.68
CA ASN A 97 43.46 8.52 9.09
C ASN A 97 42.41 7.85 8.20
N ILE A 98 42.54 6.53 8.03
CA ILE A 98 41.65 5.80 7.12
C ILE A 98 40.15 6.00 7.41
N PHE A 99 39.78 6.04 8.68
CA PHE A 99 38.36 6.18 9.05
C PHE A 99 37.79 7.47 8.50
N HIS A 100 38.56 8.54 8.62
CA HIS A 100 38.07 9.86 8.19
C HIS A 100 38.04 10.02 6.67
N ARG A 101 39.06 9.53 5.98
CA ARG A 101 39.05 9.56 4.51
C ARG A 101 37.85 8.77 4.01
N TRP A 102 37.66 7.60 4.61
CA TRP A 102 36.50 6.74 4.32
C TRP A 102 35.18 7.49 4.49
N THR A 103 34.93 7.99 5.70
CA THR A 103 33.68 8.73 5.95
C THR A 103 33.49 9.92 5.00
N LYS A 104 34.60 10.58 4.66
CA LYS A 104 34.53 11.74 3.78
C LYS A 104 34.24 11.35 2.34
N ASN A 105 34.47 10.09 1.99
CA ASN A 105 34.30 9.68 0.59
C ASN A 105 33.26 8.58 0.30
N VAL A 106 32.25 8.45 1.16
CA VAL A 106 31.16 7.50 0.91
C VAL A 106 29.80 8.14 1.13
N VAL A 107 28.78 7.58 0.49
CA VAL A 107 27.42 8.13 0.56
C VAL A 107 26.86 8.24 1.98
N MET A 108 27.21 7.28 2.84
CA MET A 108 26.63 7.20 4.17
C MET A 108 26.88 8.43 5.03
N TYR A 109 28.07 9.03 4.89
CA TYR A 109 28.48 10.12 5.78
C TYR A 109 28.71 11.44 5.04
N THR A 110 28.12 11.60 3.87
CA THR A 110 28.28 12.83 3.11
C THR A 110 26.93 13.48 2.81
N ASP A 111 26.96 14.78 2.56
CA ASP A 111 25.75 15.54 2.26
C ASP A 111 25.76 15.92 0.79
N PRO A 112 24.59 16.29 0.24
CA PRO A 112 24.60 16.80 -1.14
C PRO A 112 25.47 18.05 -1.22
N PRO A 113 26.10 18.30 -2.38
CA PRO A 113 25.98 17.53 -3.62
C PRO A 113 26.99 16.38 -3.77
N LEU A 114 27.99 16.30 -2.89
CA LEU A 114 28.98 15.22 -2.97
C LEU A 114 28.32 13.85 -2.86
N HIS A 115 27.38 13.75 -1.92
CA HIS A 115 26.64 12.50 -1.70
C HIS A 115 25.96 12.02 -2.98
N ASP A 116 25.33 12.93 -3.71
CA ASP A 116 24.60 12.56 -4.91
C ASP A 116 25.52 12.05 -6.02
N ALA A 117 26.70 12.62 -6.12
CA ALA A 117 27.68 12.16 -7.11
C ALA A 117 28.17 10.77 -6.75
N LEU A 118 28.52 10.58 -5.47
CA LEU A 118 28.95 9.27 -4.99
C LEU A 118 27.86 8.22 -5.18
N ARG A 119 26.61 8.61 -4.98
CA ARG A 119 25.49 7.70 -5.12
C ARG A 119 25.27 7.34 -6.58
N ARG A 120 25.39 8.34 -7.46
CA ARG A 120 25.20 8.10 -8.89
C ARG A 120 26.30 7.20 -9.43
N SER A 121 27.48 7.27 -8.81
CA SER A 121 28.62 6.48 -9.26
C SER A 121 28.45 4.97 -9.08
N VAL A 122 27.45 4.55 -8.31
CA VAL A 122 27.23 3.12 -8.05
C VAL A 122 25.87 2.62 -8.52
N ARG A 123 25.14 3.44 -9.27
CA ARG A 123 23.78 3.08 -9.69
C ARG A 123 23.75 1.92 -10.69
N ALA A 124 24.87 1.64 -11.33
CA ALA A 124 24.97 0.57 -12.33
C ALA A 124 24.62 -0.79 -11.73
N GLY A 125 24.86 -0.96 -10.43
CA GLY A 125 24.55 -2.21 -9.76
C GLY A 125 23.12 -2.29 -9.27
N PHE A 126 22.39 -1.18 -9.38
CA PHE A 126 21.06 -1.11 -8.79
C PHE A 126 19.99 -0.58 -9.74
N THR A 127 20.19 -0.81 -11.04
CA THR A 127 19.19 -0.45 -12.04
C THR A 127 17.97 -1.36 -11.97
N ARG A 128 16.89 -0.96 -12.64
CA ARG A 128 15.69 -1.78 -12.76
C ARG A 128 16.02 -3.15 -13.34
N ALA A 129 16.79 -3.16 -14.43
CA ALA A 129 17.20 -4.41 -15.08
C ALA A 129 17.97 -5.31 -14.11
N ALA A 130 18.94 -4.71 -13.41
CA ALA A 130 19.73 -5.44 -12.43
C ALA A 130 18.82 -6.17 -11.43
N HIS A 131 17.84 -5.45 -10.91
CA HIS A 131 16.92 -6.01 -9.93
C HIS A 131 16.01 -7.08 -10.53
N GLN A 132 15.66 -6.91 -11.81
CA GLN A 132 14.95 -7.95 -12.54
C GLN A 132 15.75 -9.24 -12.49
N HIS A 133 17.07 -9.13 -12.66
CA HIS A 133 17.93 -10.32 -12.58
C HIS A 133 18.05 -10.87 -11.15
N TYR A 134 18.24 -9.97 -10.19
CA TYR A 134 18.39 -10.36 -8.79
C TYR A 134 17.16 -11.08 -8.27
N ASP A 135 16.00 -10.76 -8.85
CA ASP A 135 14.74 -11.41 -8.48
C ASP A 135 14.82 -12.92 -8.71
N GLN A 136 15.14 -13.29 -9.95
CA GLN A 136 15.32 -14.68 -10.32
C GLN A 136 16.42 -15.35 -9.50
N VAL A 137 17.59 -14.71 -9.44
CA VAL A 137 18.71 -15.27 -8.69
C VAL A 137 18.32 -15.59 -7.23
N LEU A 138 17.65 -14.64 -6.58
CA LEU A 138 17.27 -14.79 -5.19
C LEU A 138 16.18 -15.82 -4.97
N GLN A 139 15.23 -15.90 -5.91
CA GLN A 139 14.23 -16.96 -5.88
C GLN A 139 14.96 -18.30 -5.82
N LYS A 140 15.89 -18.48 -6.75
CA LYS A 140 16.71 -19.68 -6.80
C LYS A 140 17.41 -19.96 -5.47
N VAL A 141 18.29 -19.05 -5.07
CA VAL A 141 19.09 -19.19 -3.86
C VAL A 141 18.26 -19.53 -2.62
N ALA A 142 17.19 -18.78 -2.41
CA ALA A 142 16.32 -19.04 -1.26
C ALA A 142 15.72 -20.46 -1.33
N HIS A 143 15.20 -20.83 -2.49
CA HIS A 143 14.64 -22.16 -2.64
C HIS A 143 15.68 -23.25 -2.32
N ASP A 144 16.88 -23.11 -2.86
CA ASP A 144 17.91 -24.12 -2.63
C ASP A 144 18.32 -24.20 -1.16
N LEU A 145 18.41 -23.04 -0.51
CA LEU A 145 18.72 -23.00 0.92
C LEU A 145 17.69 -23.76 1.74
N VAL A 146 16.42 -23.39 1.59
CA VAL A 146 15.37 -24.05 2.39
C VAL A 146 15.20 -25.53 2.02
N ALA A 147 15.37 -25.85 0.74
CA ALA A 147 15.28 -27.23 0.28
C ALA A 147 16.44 -28.10 0.78
N SER A 148 17.55 -27.46 1.14
CA SER A 148 18.70 -28.20 1.64
C SER A 148 18.52 -28.72 3.07
N ILE A 149 17.44 -28.32 3.73
CA ILE A 149 17.11 -28.84 5.06
C ILE A 149 16.66 -30.30 4.98
N PRO A 150 17.39 -31.20 5.65
CA PRO A 150 17.10 -32.65 5.66
C PRO A 150 15.64 -32.97 5.98
N ALA A 151 15.09 -33.93 5.23
CA ALA A 151 13.64 -34.20 5.24
C ALA A 151 13.05 -34.60 6.59
N GLY A 152 13.88 -35.06 7.52
CA GLY A 152 13.36 -35.50 8.81
C GLY A 152 13.76 -34.63 9.98
N ALA A 153 14.09 -33.36 9.68
CA ALA A 153 14.75 -32.45 10.62
C ALA A 153 14.01 -32.14 11.93
N THR A 154 12.73 -31.80 11.82
CA THR A 154 11.89 -31.42 12.98
C THR A 154 12.32 -30.23 13.85
N GLU A 155 13.62 -30.04 14.06
CA GLU A 155 14.08 -28.91 14.86
C GLU A 155 15.32 -28.26 14.26
N ILE A 156 15.45 -26.95 14.49
CA ILE A 156 16.48 -26.16 13.84
C ILE A 156 16.74 -24.87 14.64
N ASP A 157 17.97 -24.38 14.63
CA ASP A 157 18.18 -23.03 15.13
C ASP A 157 18.26 -22.14 13.89
N ALA A 158 17.18 -21.41 13.64
CA ALA A 158 17.05 -20.66 12.39
C ALA A 158 18.12 -19.58 12.21
N VAL A 159 18.74 -19.14 13.30
CA VAL A 159 19.77 -18.11 13.20
C VAL A 159 21.01 -18.59 12.42
N PRO A 160 21.70 -19.64 12.91
CA PRO A 160 22.87 -20.05 12.12
C PRO A 160 22.48 -20.78 10.83
N ALA A 161 21.39 -21.55 10.87
CA ALA A 161 21.01 -22.40 9.74
C ALA A 161 20.46 -21.65 8.53
N LEU A 162 19.74 -20.55 8.78
CA LEU A 162 19.05 -19.85 7.70
C LEU A 162 19.37 -18.35 7.65
N ALA A 163 19.11 -17.66 8.75
CA ALA A 163 19.23 -16.21 8.81
C ALA A 163 20.65 -15.71 8.57
N ALA A 164 21.62 -16.44 9.09
CA ALA A 164 23.02 -16.08 8.88
C ALA A 164 23.54 -16.56 7.53
N GLU A 165 22.87 -17.57 6.97
CA GLU A 165 23.36 -18.22 5.76
C GLU A 165 22.90 -17.57 4.45
N LEU A 166 21.62 -17.20 4.38
CA LEU A 166 21.08 -16.59 3.17
C LEU A 166 21.77 -15.30 2.70
N PRO A 167 22.06 -14.35 3.62
CA PRO A 167 22.76 -13.13 3.18
C PRO A 167 24.13 -13.42 2.59
N VAL A 168 24.83 -14.45 3.08
CA VAL A 168 26.12 -14.83 2.54
C VAL A 168 25.99 -15.34 1.10
N ARG A 169 25.00 -16.21 0.89
CA ARG A 169 24.73 -16.75 -0.43
C ARG A 169 24.25 -15.68 -1.40
N SER A 170 23.45 -14.74 -0.91
CA SER A 170 23.01 -13.61 -1.72
C SER A 170 24.21 -12.73 -2.07
N ALA A 171 25.14 -12.60 -1.12
CA ALA A 171 26.32 -11.78 -1.33
C ALA A 171 27.16 -12.32 -2.48
N VAL A 172 27.22 -13.65 -2.59
CA VAL A 172 27.99 -14.29 -3.65
C VAL A 172 27.28 -14.22 -5.00
N HIS A 173 26.00 -14.54 -5.01
CA HIS A 173 25.27 -14.74 -6.26
C HIS A 173 24.47 -13.51 -6.74
N ALA A 174 24.19 -12.58 -5.84
CA ALA A 174 23.54 -11.33 -6.25
C ALA A 174 24.53 -10.17 -6.28
N PHE A 175 25.34 -10.05 -5.23
CA PHE A 175 26.30 -8.96 -5.14
C PHE A 175 27.61 -9.23 -5.90
N GLY A 176 28.04 -10.49 -5.89
CA GLY A 176 29.23 -10.85 -6.65
C GLY A 176 30.51 -10.95 -5.83
N VAL A 177 30.38 -10.96 -4.52
CA VAL A 177 31.52 -11.25 -3.66
C VAL A 177 31.95 -12.67 -4.00
N PRO A 178 33.23 -12.84 -4.37
CA PRO A 178 33.71 -14.19 -4.74
C PRO A 178 33.66 -15.12 -3.54
N GLU A 179 33.09 -16.31 -3.72
CA GLU A 179 32.92 -17.29 -2.65
C GLU A 179 34.23 -17.54 -1.90
N GLU A 180 35.30 -17.77 -2.67
CA GLU A 180 36.61 -18.07 -2.09
C GLU A 180 37.16 -16.93 -1.22
N ASP A 181 36.57 -15.75 -1.34
CA ASP A 181 37.03 -14.58 -0.58
C ASP A 181 36.23 -14.36 0.71
N LEU A 182 35.16 -15.15 0.89
CA LEU A 182 34.31 -15.00 2.08
C LEU A 182 35.12 -15.09 3.37
N GLY A 183 35.97 -16.11 3.45
CA GLY A 183 36.79 -16.33 4.62
C GLY A 183 37.71 -15.16 4.97
N PHE A 184 37.94 -14.27 4.01
CA PHE A 184 38.73 -13.08 4.27
C PHE A 184 37.85 -11.95 4.81
N LEU A 185 36.66 -11.82 4.24
CA LEU A 185 35.81 -10.63 4.48
C LEU A 185 34.98 -10.70 5.75
N ILE A 186 34.34 -11.84 5.98
CA ILE A 186 33.43 -12.01 7.10
C ILE A 186 34.03 -11.78 8.50
N PRO A 187 35.23 -12.35 8.78
CA PRO A 187 35.76 -12.08 10.11
C PRO A 187 36.11 -10.61 10.32
N ARG A 188 36.57 -9.95 9.26
CA ARG A 188 36.95 -8.55 9.32
C ARG A 188 35.76 -7.62 9.55
N VAL A 189 34.65 -7.85 8.85
CA VAL A 189 33.42 -7.10 9.10
C VAL A 189 32.90 -7.38 10.51
N ASN A 190 32.95 -8.65 10.91
CA ASN A 190 32.57 -9.06 12.26
C ASN A 190 33.36 -8.32 13.34
N THR A 191 34.67 -8.20 13.10
CA THR A 191 35.55 -7.46 14.01
C THR A 191 35.14 -6.00 14.08
N ILE A 192 34.88 -5.42 12.90
CA ILE A 192 34.49 -4.02 12.79
C ILE A 192 33.14 -3.74 13.48
N MET A 193 32.20 -4.67 13.33
CA MET A 193 30.83 -4.46 13.83
C MET A 193 30.64 -4.90 15.29
N THR A 194 31.51 -5.79 15.77
CA THR A 194 31.41 -6.33 17.13
C THR A 194 30.04 -6.95 17.44
N VAL A 204 38.10 -5.45 18.89
CA VAL A 204 38.27 -5.11 20.30
C VAL A 204 38.89 -3.72 20.51
N THR A 205 40.07 -3.52 19.95
CA THR A 205 40.80 -2.26 20.09
C THR A 205 40.52 -1.39 18.86
N GLN A 206 40.48 -0.07 19.04
CA GLN A 206 40.19 0.83 17.93
C GLN A 206 41.20 0.65 16.78
N GLU A 207 42.47 0.49 17.13
CA GLU A 207 43.52 0.25 16.14
C GLU A 207 43.27 -1.00 15.30
N ILE A 208 42.83 -2.07 15.94
CA ILE A 208 42.54 -3.31 15.24
C ILE A 208 41.41 -3.10 14.21
N ILE A 209 40.38 -2.37 14.63
CA ILE A 209 39.28 -2.01 13.75
C ILE A 209 39.75 -1.17 12.56
N LEU A 210 40.63 -0.22 12.83
CA LEU A 210 41.19 0.62 11.77
C LEU A 210 41.97 -0.23 10.76
N GLU A 211 42.75 -1.18 11.28
CA GLU A 211 43.49 -2.12 10.45
C GLU A 211 42.57 -2.98 9.58
N LYS A 212 41.45 -3.42 10.15
CA LYS A 212 40.49 -4.20 9.39
C LYS A 212 39.86 -3.37 8.27
N LEU A 213 39.52 -2.12 8.58
CA LEU A 213 38.97 -1.23 7.55
C LEU A 213 39.97 -1.03 6.40
N THR A 214 41.24 -0.87 6.77
CA THR A 214 42.31 -0.79 5.78
C THR A 214 42.35 -2.05 4.92
N ASP A 215 42.20 -3.21 5.57
CA ASP A 215 42.15 -4.48 4.85
C ASP A 215 41.02 -4.50 3.83
N LEU A 216 39.86 -3.96 4.23
CA LEU A 216 38.71 -3.89 3.33
C LEU A 216 39.00 -3.01 2.11
N HIS A 217 39.66 -1.89 2.35
CA HIS A 217 40.02 -1.00 1.23
C HIS A 217 41.00 -1.65 0.26
N THR A 218 42.08 -2.21 0.80
CA THR A 218 43.08 -2.88 -0.03
C THR A 218 42.47 -4.06 -0.80
N TYR A 219 41.59 -4.80 -0.15
CA TYR A 219 40.88 -5.89 -0.82
C TYR A 219 39.99 -5.39 -1.96
N ALA A 220 39.24 -4.32 -1.72
CA ALA A 220 38.39 -3.77 -2.78
C ALA A 220 39.25 -3.39 -3.99
N SER A 221 40.31 -2.65 -3.71
CA SER A 221 41.26 -2.22 -4.73
C SER A 221 41.81 -3.38 -5.56
N GLU A 222 42.27 -4.44 -4.90
CA GLU A 222 42.86 -5.57 -5.60
C GLU A 222 41.81 -6.44 -6.31
N LEU A 223 40.60 -6.47 -5.75
CA LEU A 223 39.50 -7.21 -6.35
C LEU A 223 39.14 -6.62 -7.70
N LEU A 224 39.01 -5.29 -7.75
CA LEU A 224 38.69 -4.63 -9.00
C LEU A 224 39.77 -4.81 -10.08
N GLN A 225 41.00 -5.04 -9.66
CA GLN A 225 42.11 -5.24 -10.59
C GLN A 225 42.27 -6.71 -10.95
N GLY A 226 41.35 -7.54 -10.48
CA GLY A 226 41.36 -8.97 -10.77
C GLY A 226 42.40 -9.74 -10.00
N MET A 227 42.92 -9.14 -8.93
CA MET A 227 43.99 -9.74 -8.15
C MET A 227 43.49 -10.62 -7.01
N ARG A 228 42.18 -10.75 -6.89
CA ARG A 228 41.59 -11.61 -5.86
C ARG A 228 40.66 -12.65 -6.49
N GLY A 229 39.53 -12.91 -5.85
CA GLY A 229 38.62 -13.95 -6.31
C GLY A 229 37.92 -13.62 -7.62
N LYS A 230 37.22 -14.62 -8.18
CA LYS A 230 36.46 -14.39 -9.40
C LYS A 230 35.09 -13.81 -9.09
N VAL A 231 34.78 -12.66 -9.69
CA VAL A 231 33.46 -12.07 -9.54
C VAL A 231 32.52 -12.68 -10.57
N LEU A 232 31.45 -13.31 -10.09
CA LEU A 232 30.44 -13.87 -10.98
C LEU A 232 29.82 -12.76 -11.81
N PRO A 233 29.38 -13.07 -13.05
CA PRO A 233 28.82 -12.04 -13.94
C PRO A 233 27.40 -11.64 -13.55
N ASP A 234 26.95 -10.48 -14.06
CA ASP A 234 25.59 -9.98 -13.83
C ASP A 234 25.27 -9.63 -12.37
N THR A 235 26.30 -9.61 -11.53
CA THR A 235 26.14 -9.26 -10.12
C THR A 235 26.36 -7.77 -9.89
N VAL A 236 26.11 -7.31 -8.68
CA VAL A 236 26.31 -5.90 -8.34
C VAL A 236 27.75 -5.46 -8.61
N ILE A 237 28.71 -6.19 -8.06
CA ILE A 237 30.11 -5.84 -8.20
C ILE A 237 30.60 -5.95 -9.66
N ALA A 238 30.02 -6.88 -10.43
CA ALA A 238 30.38 -6.98 -11.84
C ALA A 238 29.95 -5.73 -12.61
N ARG A 239 28.72 -5.29 -12.35
CA ARG A 239 28.18 -4.10 -12.99
C ARG A 239 28.90 -2.84 -12.53
N LEU A 240 29.35 -2.84 -11.28
CA LEU A 240 30.10 -1.71 -10.72
C LEU A 240 31.47 -1.63 -11.39
N ALA A 241 32.11 -2.79 -11.52
CA ALA A 241 33.43 -2.88 -12.13
C ALA A 241 33.41 -2.45 -13.59
N ALA A 242 32.41 -2.93 -14.33
CA ALA A 242 32.29 -2.59 -15.75
C ALA A 242 32.03 -1.10 -15.98
N ALA A 243 31.56 -0.41 -14.95
CA ALA A 243 31.18 0.99 -15.08
C ALA A 243 32.29 1.96 -14.66
N GLN A 244 33.41 1.42 -14.19
CA GLN A 244 34.50 2.25 -13.68
C GLN A 244 35.12 3.15 -14.74
N ASP A 245 35.32 2.62 -15.95
CA ASP A 245 35.94 3.40 -17.02
C ASP A 245 35.01 4.51 -17.52
N GLY A 246 33.72 4.40 -17.24
CA GLY A 246 32.75 5.40 -17.66
C GLY A 246 32.45 6.47 -16.63
N LEU A 247 33.06 6.37 -15.45
CA LEU A 247 32.88 7.35 -14.38
C LEU A 247 33.63 8.64 -14.67
N THR A 248 32.99 9.79 -14.41
CA THR A 248 33.57 11.10 -14.70
C THR A 248 33.58 12.09 -13.53
N GLU A 249 32.67 11.95 -12.58
CA GLU A 249 32.63 12.89 -11.46
C GLU A 249 33.30 12.36 -10.18
N THR A 250 33.60 11.07 -10.17
CA THR A 250 34.22 10.46 -8.98
C THR A 250 35.54 9.76 -9.32
N THR A 251 36.27 9.37 -8.28
CA THR A 251 37.62 8.84 -8.44
C THR A 251 37.68 7.36 -8.06
N PRO A 252 38.67 6.62 -8.61
CA PRO A 252 38.89 5.22 -8.23
C PRO A 252 38.99 5.05 -6.71
N GLU A 253 39.68 5.98 -6.07
CA GLU A 253 39.78 5.98 -4.60
C GLU A 253 38.39 5.96 -3.96
N GLN A 254 37.48 6.76 -4.49
CA GLN A 254 36.11 6.83 -3.95
C GLN A 254 35.32 5.54 -4.17
N THR A 255 35.59 4.87 -5.28
CA THR A 255 34.98 3.56 -5.54
C THR A 255 35.50 2.54 -4.51
N VAL A 256 36.79 2.63 -4.21
CA VAL A 256 37.38 1.77 -3.18
C VAL A 256 36.72 2.00 -1.82
N HIS A 257 36.64 3.26 -1.41
CA HIS A 257 35.96 3.61 -0.15
C HIS A 257 34.53 3.06 -0.10
N GLN A 258 33.75 3.34 -1.14
CA GLN A 258 32.34 2.92 -1.15
C GLN A 258 32.17 1.40 -1.20
N LEU A 259 33.14 0.72 -1.82
CA LEU A 259 33.14 -0.73 -1.87
C LEU A 259 33.42 -1.30 -0.48
N ALA A 260 34.29 -0.64 0.26
CA ALA A 260 34.53 -1.02 1.66
C ALA A 260 33.23 -0.89 2.46
N LEU A 261 32.54 0.24 2.27
CA LEU A 261 31.25 0.43 2.93
C LEU A 261 30.26 -0.70 2.57
N VAL A 262 30.18 -1.01 1.28
CA VAL A 262 29.33 -2.09 0.80
C VAL A 262 29.64 -3.41 1.49
N PHE A 263 30.92 -3.76 1.61
CA PHE A 263 31.29 -4.99 2.29
C PHE A 263 30.81 -5.00 3.75
N ILE A 264 31.05 -3.88 4.44
CA ILE A 264 30.58 -3.77 5.82
C ILE A 264 29.06 -4.00 5.95
N ALA A 265 28.29 -3.32 5.12
CA ALA A 265 26.83 -3.46 5.18
C ALA A 265 26.38 -4.86 4.78
N LEU A 266 27.13 -5.46 3.86
CA LEU A 266 26.82 -6.77 3.31
C LEU A 266 26.91 -7.85 4.39
N PHE A 267 27.96 -7.76 5.21
CA PHE A 267 28.15 -8.77 6.24
C PHE A 267 27.82 -8.30 7.67
N ALA A 268 27.08 -7.21 7.76
CA ALA A 268 26.57 -6.73 9.06
C ALA A 268 25.41 -7.60 9.55
N PRO A 269 25.08 -7.53 10.85
CA PRO A 269 23.96 -8.33 11.37
C PRO A 269 22.57 -7.83 11.00
N THR A 270 22.49 -6.78 10.20
CA THR A 270 21.21 -6.19 9.82
C THR A 270 20.31 -7.14 9.01
N THR A 271 20.84 -7.67 7.90
CA THR A 271 20.07 -8.62 7.10
C THR A 271 19.68 -9.90 7.87
N PRO A 272 20.67 -10.56 8.52
CA PRO A 272 20.28 -11.76 9.28
C PRO A 272 19.25 -11.42 10.35
N GLY A 273 19.37 -10.24 10.94
CA GLY A 273 18.44 -9.78 11.96
C GLY A 273 17.02 -9.62 11.42
N SER A 274 16.90 -9.08 10.22
CA SER A 274 15.60 -8.98 9.57
C SER A 274 15.00 -10.35 9.30
N LEU A 275 15.81 -11.24 8.72
CA LEU A 275 15.35 -12.59 8.39
C LEU A 275 14.86 -13.35 9.63
N SER A 276 15.65 -13.28 10.70
CA SER A 276 15.35 -14.02 11.92
C SER A 276 14.18 -13.42 12.69
N SER A 277 14.11 -12.09 12.73
CA SER A 277 13.00 -11.44 13.42
C SER A 277 11.68 -11.71 12.69
N GLY A 278 11.75 -11.76 11.35
CA GLY A 278 10.57 -12.09 10.56
C GLY A 278 10.14 -13.54 10.74
N THR A 279 11.11 -14.44 10.77
CA THR A 279 10.84 -15.84 11.04
C THR A 279 10.17 -16.02 12.40
N LEU A 280 10.65 -15.26 13.40
CA LEU A 280 10.04 -15.30 14.73
C LEU A 280 8.62 -14.75 14.70
N ALA A 281 8.42 -13.67 13.95
CA ALA A 281 7.10 -13.07 13.79
C ALA A 281 6.11 -14.07 13.23
N PHE A 282 6.51 -14.78 12.18
CA PHE A 282 5.66 -15.82 11.60
C PHE A 282 5.45 -16.98 12.59
N ALA A 283 6.50 -17.37 13.28
CA ALA A 283 6.44 -18.46 14.26
C ALA A 283 5.39 -18.21 15.34
N ARG A 284 5.19 -16.92 15.65
CA ARG A 284 4.22 -16.54 16.67
C ARG A 284 2.92 -16.01 16.08
N ASN A 285 2.76 -16.11 14.76
CA ASN A 285 1.53 -15.66 14.11
C ASN A 285 1.05 -16.57 12.98
N PRO A 286 0.51 -17.76 13.35
CA PRO A 286 -0.04 -18.75 12.40
C PRO A 286 -1.04 -18.17 11.39
N ARG A 287 -1.91 -17.28 11.86
CA ARG A 287 -2.91 -16.65 11.00
C ARG A 287 -2.25 -15.91 9.83
N GLN A 288 -1.14 -15.24 10.11
CA GLN A 288 -0.39 -14.53 9.08
C GLN A 288 0.34 -15.49 8.17
N VAL A 289 0.63 -16.69 8.67
CA VAL A 289 1.21 -17.73 7.84
C VAL A 289 0.20 -18.18 6.78
N GLU A 290 -1.04 -18.40 7.21
CA GLU A 290 -2.09 -18.80 6.24
C GLU A 290 -2.54 -17.65 5.34
N ARG A 291 -2.57 -16.44 5.87
CA ARG A 291 -2.75 -15.23 5.07
C ARG A 291 -1.69 -15.19 3.98
N PHE A 292 -0.46 -15.50 4.37
CA PHE A 292 0.68 -15.52 3.45
C PHE A 292 0.47 -16.54 2.35
N LEU A 293 0.06 -17.75 2.74
CA LEU A 293 -0.05 -18.84 1.76
C LEU A 293 -1.27 -18.70 0.85
N ALA A 294 -2.28 -17.96 1.30
CA ALA A 294 -3.50 -17.77 0.51
C ALA A 294 -3.39 -16.63 -0.51
N ASP A 295 -3.02 -15.44 -0.03
CA ASP A 295 -3.12 -14.20 -0.80
C ASP A 295 -1.76 -13.61 -1.20
N GLN A 296 -1.60 -13.35 -2.50
CA GLN A 296 -0.36 -12.82 -3.05
C GLN A 296 -0.05 -11.41 -2.56
N ALA A 297 -1.09 -10.67 -2.21
CA ALA A 297 -0.93 -9.35 -1.62
C ALA A 297 -0.07 -9.41 -0.36
N CYS A 298 -0.41 -10.35 0.51
CA CYS A 298 0.33 -10.58 1.76
C CYS A 298 1.79 -10.92 1.48
N VAL A 299 2.02 -11.78 0.50
CA VAL A 299 3.36 -12.17 0.10
C VAL A 299 4.16 -10.94 -0.31
N ASP A 300 3.55 -10.12 -1.16
CA ASP A 300 4.21 -8.91 -1.65
C ASP A 300 4.40 -7.83 -0.58
N ASN A 301 3.61 -7.90 0.50
CA ASN A 301 3.76 -6.94 1.60
C ASN A 301 4.60 -7.48 2.77
N THR A 302 5.01 -8.74 2.66
CA THR A 302 5.72 -9.42 3.74
C THR A 302 7.05 -8.74 4.11
N ALA A 303 7.84 -8.40 3.11
CA ALA A 303 9.13 -7.74 3.36
C ALA A 303 8.92 -6.49 4.20
N ASN A 304 8.07 -5.59 3.71
CA ASN A 304 7.79 -4.33 4.39
C ASN A 304 7.21 -4.49 5.80
N GLU A 305 6.34 -5.48 5.98
CA GLU A 305 5.77 -5.71 7.30
C GLU A 305 6.79 -6.29 8.29
N VAL A 306 7.67 -7.18 7.81
CA VAL A 306 8.72 -7.74 8.66
C VAL A 306 9.69 -6.63 9.06
N LEU A 307 10.10 -5.83 8.08
CA LEU A 307 10.99 -4.71 8.32
C LEU A 307 10.39 -3.69 9.27
N ARG A 308 9.09 -3.47 9.17
CA ARG A 308 8.41 -2.55 10.06
C ARG A 308 8.35 -3.10 11.48
N TYR A 309 7.97 -4.38 11.61
CA TYR A 309 7.79 -5.00 12.92
C TYR A 309 9.06 -4.94 13.77
N ASN A 310 10.21 -5.12 13.13
CA ASN A 310 11.50 -5.04 13.82
C ASN A 310 12.58 -4.44 12.93
N ALA A 311 12.93 -3.18 13.18
CA ALA A 311 14.05 -2.56 12.50
C ALA A 311 15.33 -3.24 12.96
N SER A 312 16.13 -3.73 12.01
CA SER A 312 17.43 -4.31 12.34
C SER A 312 18.32 -3.21 12.92
N ASN A 313 18.27 -2.06 12.27
CA ASN A 313 18.96 -0.87 12.74
C ASN A 313 18.00 -0.01 13.57
N GLN A 314 17.91 -0.31 14.87
CA GLN A 314 16.93 0.34 15.75
C GLN A 314 17.04 1.87 15.78
N PHE A 315 18.24 2.39 15.64
CA PHE A 315 18.43 3.84 15.56
C PHE A 315 19.65 4.18 14.70
N THR A 316 19.53 5.27 13.95
CA THR A 316 20.67 5.80 13.21
C THR A 316 21.00 7.20 13.72
N TRP A 317 22.12 7.76 13.28
CA TRP A 317 22.63 8.99 13.88
C TRP A 317 22.55 10.19 12.94
N ARG A 318 22.46 11.38 13.53
CA ARG A 318 22.60 12.64 12.79
C ARG A 318 23.35 13.64 13.66
N VAL A 319 23.82 14.72 13.05
CA VAL A 319 24.37 15.85 13.79
C VAL A 319 23.70 17.13 13.33
N ALA A 320 23.32 17.98 14.27
CA ALA A 320 22.74 19.27 13.92
C ALA A 320 23.81 20.20 13.35
N ALA A 321 23.62 20.60 12.10
CA ALA A 321 24.49 21.60 11.49
C ALA A 321 24.17 22.96 12.09
N LYS A 322 22.89 23.21 12.35
CA LYS A 322 22.48 24.37 13.13
C LYS A 322 21.48 23.96 14.20
N ASP A 323 21.11 24.92 15.06
CA ASP A 323 20.09 24.68 16.08
C ASP A 323 18.77 24.26 15.42
N VAL A 324 18.19 23.18 15.93
CA VAL A 324 16.92 22.68 15.43
C VAL A 324 15.93 22.71 16.58
N GLU A 325 14.65 22.91 16.28
CA GLU A 325 13.61 22.84 17.30
C GLU A 325 12.76 21.59 17.05
N MET A 326 12.87 20.59 17.93
CA MET A 326 12.22 19.30 17.72
C MET A 326 11.63 18.69 18.99
N GLY A 327 10.38 18.24 18.91
CA GLY A 327 9.70 17.61 20.03
C GLY A 327 9.66 18.46 21.28
N GLY A 328 9.64 19.78 21.09
CA GLY A 328 9.64 20.72 22.21
C GLY A 328 11.02 21.03 22.75
N VAL A 329 12.06 20.57 22.05
CA VAL A 329 13.42 20.75 22.52
C VAL A 329 14.28 21.56 21.56
N ARG A 330 15.11 22.45 22.10
CA ARG A 330 16.12 23.16 21.32
C ARG A 330 17.41 22.33 21.26
N ILE A 331 17.64 21.67 20.12
CA ILE A 331 18.87 20.91 19.88
C ILE A 331 19.95 21.83 19.31
N GLU A 332 21.02 22.02 20.05
CA GLU A 332 22.07 22.96 19.66
C GLU A 332 22.96 22.44 18.53
N ALA A 333 23.52 23.37 17.76
CA ALA A 333 24.46 23.03 16.69
C ALA A 333 25.65 22.21 17.20
N GLY A 334 25.96 21.12 16.52
CA GLY A 334 27.08 20.28 16.88
C GLY A 334 26.68 19.08 17.71
N GLN A 335 25.47 19.14 18.26
CA GLN A 335 24.98 18.06 19.12
C GLN A 335 24.52 16.86 18.30
N THR A 336 24.58 15.68 18.92
CA THR A 336 24.26 14.44 18.23
C THR A 336 22.79 14.06 18.43
N LEU A 337 22.17 13.52 17.38
CA LEU A 337 20.79 13.02 17.46
C LEU A 337 20.75 11.52 17.16
N ALA A 338 19.95 10.79 17.94
CA ALA A 338 19.68 9.38 17.67
C ALA A 338 18.24 9.20 17.22
N LEU A 339 18.05 8.94 15.93
CA LEU A 339 16.72 8.78 15.36
C LEU A 339 16.26 7.34 15.48
N PHE A 340 15.31 7.09 16.38
CA PHE A 340 14.89 5.72 16.67
C PHE A 340 13.85 5.20 15.67
N LEU A 341 14.34 4.70 14.55
CA LEU A 341 13.51 4.14 13.49
C LEU A 341 12.63 3.02 14.04
N GLY A 342 13.17 2.26 14.99
CA GLY A 342 12.45 1.16 15.60
C GLY A 342 11.22 1.61 16.38
N SER A 343 11.29 2.79 16.97
CA SER A 343 10.16 3.36 17.69
C SER A 343 9.15 3.93 16.69
N ALA A 344 9.65 4.58 15.65
CA ALA A 344 8.81 5.19 14.62
C ALA A 344 8.01 4.14 13.86
N ASN A 345 8.57 2.94 13.70
CA ASN A 345 7.89 1.84 13.02
C ASN A 345 6.68 1.35 13.80
N ARG A 346 6.65 1.64 15.09
CA ARG A 346 5.53 1.24 15.95
C ARG A 346 4.87 2.45 16.62
N ASP A 347 4.80 3.56 15.90
CA ASP A 347 4.04 4.71 16.35
C ASP A 347 2.59 4.52 15.92
N ALA A 348 1.69 4.43 16.89
CA ALA A 348 0.26 4.22 16.62
C ALA A 348 -0.37 5.36 15.83
N ASN A 349 0.32 6.50 15.78
CA ASN A 349 -0.16 7.66 15.03
C ASN A 349 -0.09 7.44 13.52
N MET A 350 0.66 6.42 13.11
CA MET A 350 0.99 6.18 11.71
C MET A 350 0.59 4.77 11.29
N PHE A 351 0.82 3.81 12.18
CA PHE A 351 0.44 2.43 11.95
C PHE A 351 -0.51 1.99 13.05
N GLU A 352 -1.80 1.93 12.73
CA GLU A 352 -2.79 1.49 13.71
C GLU A 352 -2.45 0.06 14.14
N ARG A 353 -2.73 -0.25 15.41
CA ARG A 353 -2.26 -1.49 16.06
C ARG A 353 -0.86 -1.88 15.61
N PRO A 354 0.15 -1.07 15.98
CA PRO A 354 1.51 -1.25 15.47
C PRO A 354 2.20 -2.50 16.02
N ASN A 355 1.70 -3.01 17.14
CA ASN A 355 2.29 -4.20 17.75
C ASN A 355 1.81 -5.50 17.11
N ASP A 356 0.95 -5.39 16.09
CA ASP A 356 0.46 -6.56 15.39
C ASP A 356 1.25 -6.83 14.10
N PHE A 357 1.73 -8.06 13.94
CA PHE A 357 2.34 -8.48 12.69
C PHE A 357 1.23 -8.74 11.68
N ASP A 358 1.03 -7.81 10.75
CA ASP A 358 -0.15 -7.85 9.87
C ASP A 358 0.21 -7.65 8.39
N LEU A 359 0.00 -8.68 7.58
CA LEU A 359 0.39 -8.63 6.16
C LEU A 359 -0.67 -7.98 5.26
N ASP A 360 -1.84 -7.70 5.82
CA ASP A 360 -2.91 -7.03 5.08
C ASP A 360 -2.82 -5.53 5.33
N ARG A 361 -1.86 -5.14 6.16
CA ARG A 361 -1.64 -3.74 6.50
C ARG A 361 -1.40 -2.91 5.24
N PRO A 362 -2.11 -1.78 5.12
CA PRO A 362 -2.13 -0.94 3.92
C PRO A 362 -0.83 -0.17 3.66
N ASN A 363 -0.12 0.23 4.71
CA ASN A 363 0.96 1.20 4.56
C ASN A 363 2.31 0.77 5.12
N SER A 364 2.54 -0.54 5.18
CA SER A 364 3.80 -1.08 5.70
C SER A 364 5.02 -0.48 4.99
N ALA A 365 4.84 -0.07 3.74
CA ALA A 365 5.91 0.53 2.95
C ALA A 365 6.40 1.87 3.50
N ARG A 366 5.70 2.41 4.50
CA ARG A 366 6.09 3.69 5.09
C ARG A 366 7.02 3.52 6.29
N HIS A 367 7.47 2.29 6.53
CA HIS A 367 8.42 2.01 7.61
C HIS A 367 9.74 2.75 7.36
N LEU A 368 10.51 2.95 8.42
CA LEU A 368 11.75 3.72 8.34
C LEU A 368 12.98 2.84 8.54
N SER A 369 12.81 1.53 8.38
CA SER A 369 13.90 0.58 8.61
C SER A 369 15.01 0.70 7.58
N PHE A 370 14.68 1.29 6.42
CA PHE A 370 15.67 1.55 5.39
C PHE A 370 16.00 3.05 5.34
N GLY A 371 15.57 3.78 6.37
CA GLY A 371 15.75 5.22 6.38
C GLY A 371 14.78 5.87 5.43
N GLN A 372 15.06 7.11 5.05
CA GLN A 372 14.16 7.83 4.15
C GLN A 372 14.84 9.01 3.47
N GLY A 373 14.46 9.28 2.23
CA GLY A 373 14.98 10.41 1.51
C GLY A 373 16.35 10.18 0.87
N VAL A 374 17.26 11.12 1.12
CA VAL A 374 18.59 11.14 0.52
C VAL A 374 19.41 9.86 0.76
N HIS A 375 19.40 9.38 2.00
CA HIS A 375 20.25 8.25 2.37
C HIS A 375 19.50 6.94 2.50
N ALA A 376 18.33 6.86 1.84
CA ALA A 376 17.54 5.65 1.85
C ALA A 376 18.39 4.48 1.39
N CYS A 377 18.28 3.35 2.10
CA CYS A 377 19.14 2.19 1.86
C CYS A 377 19.32 1.84 0.38
N LEU A 378 20.58 1.80 -0.05
CA LEU A 378 20.93 1.49 -1.43
C LEU A 378 20.47 0.10 -1.86
N ALA A 379 20.34 -0.80 -0.89
CA ALA A 379 20.03 -2.21 -1.17
C ALA A 379 18.60 -2.57 -0.81
N ALA A 380 17.76 -1.54 -0.64
CA ALA A 380 16.40 -1.73 -0.18
C ALA A 380 15.62 -2.76 -0.99
N GLN A 381 15.68 -2.65 -2.31
CA GLN A 381 14.93 -3.56 -3.19
C GLN A 381 15.54 -4.96 -3.20
N LEU A 382 16.87 -5.02 -3.20
CA LEU A 382 17.57 -6.31 -3.18
C LEU A 382 17.24 -7.07 -1.89
N ILE A 383 17.32 -6.37 -0.77
CA ILE A 383 16.99 -6.95 0.53
C ILE A 383 15.51 -7.37 0.59
N SER A 384 14.62 -6.51 0.08
CA SER A 384 13.20 -6.85 0.05
C SER A 384 12.94 -8.14 -0.76
N LEU A 385 13.64 -8.27 -1.88
CA LEU A 385 13.55 -9.49 -2.68
C LEU A 385 14.04 -10.71 -1.88
N GLN A 386 15.20 -10.57 -1.26
CA GLN A 386 15.78 -11.63 -0.44
C GLN A 386 14.81 -12.10 0.64
N LEU A 387 14.24 -11.15 1.37
CA LEU A 387 13.25 -11.46 2.40
C LEU A 387 12.06 -12.21 1.81
N LYS A 388 11.41 -11.58 0.83
CA LYS A 388 10.22 -12.17 0.22
C LYS A 388 10.45 -13.62 -0.20
N TRP A 389 11.49 -13.84 -1.00
CA TRP A 389 11.74 -15.19 -1.47
C TRP A 389 12.13 -16.16 -0.35
N PHE A 390 12.78 -15.64 0.70
CA PHE A 390 13.07 -16.51 1.85
C PHE A 390 11.80 -17.02 2.49
N TYR A 391 10.83 -16.14 2.73
CA TYR A 391 9.61 -16.58 3.39
C TYR A 391 8.71 -17.40 2.46
N VAL A 392 8.76 -17.09 1.17
CA VAL A 392 8.08 -17.91 0.17
C VAL A 392 8.61 -19.35 0.21
N ALA A 393 9.92 -19.48 0.20
CA ALA A 393 10.55 -20.81 0.20
C ALA A 393 10.39 -21.55 1.53
N LEU A 394 10.57 -20.84 2.63
CA LEU A 394 10.40 -21.40 3.96
C LEU A 394 8.98 -21.90 4.17
N LEU A 395 8.01 -21.08 3.79
CA LEU A 395 6.61 -21.37 4.09
C LEU A 395 5.91 -22.26 3.06
N ASN A 396 6.59 -22.52 1.93
CA ASN A 396 6.09 -23.53 1.00
C ASN A 396 6.68 -24.90 1.29
N ARG A 397 7.46 -24.98 2.37
CA ARG A 397 7.94 -26.27 2.88
C ARG A 397 7.57 -26.48 4.35
N PHE A 398 7.66 -25.43 5.16
CA PHE A 398 7.39 -25.56 6.59
C PHE A 398 6.34 -24.56 7.10
N PRO A 399 5.05 -24.80 6.79
CA PRO A 399 3.97 -23.90 7.21
C PRO A 399 3.63 -24.08 8.68
N GLY A 400 4.15 -25.15 9.28
CA GLY A 400 3.87 -25.45 10.67
C GLY A 400 4.98 -25.09 11.63
N ILE A 401 5.52 -23.87 11.49
CA ILE A 401 6.64 -23.45 12.34
C ILE A 401 6.20 -22.91 13.70
N ARG A 402 6.90 -23.36 14.73
CA ARG A 402 6.68 -22.91 16.09
C ARG A 402 8.03 -22.65 16.75
N THR A 403 8.05 -21.76 17.73
CA THR A 403 9.23 -21.60 18.56
C THR A 403 9.35 -22.81 19.48
N ALA A 404 10.57 -23.30 19.66
CA ALA A 404 10.82 -24.43 20.54
C ALA A 404 11.83 -24.02 21.61
N GLY A 405 11.40 -23.16 22.52
CA GLY A 405 12.29 -22.55 23.49
C GLY A 405 12.37 -21.06 23.24
N GLU A 406 12.82 -20.31 24.24
CA GLU A 406 12.88 -18.85 24.12
C GLU A 406 13.89 -18.38 23.08
N PRO A 407 13.45 -17.47 22.20
CA PRO A 407 14.39 -16.79 21.30
C PRO A 407 15.36 -15.93 22.11
N ILE A 408 16.64 -15.94 21.75
CA ILE A 408 17.64 -15.17 22.48
C ILE A 408 18.18 -14.05 21.62
N TRP A 409 18.16 -12.83 22.16
CA TRP A 409 18.63 -11.65 21.43
C TRP A 409 20.07 -11.30 21.78
N ASN A 410 20.75 -10.64 20.85
CA ASN A 410 22.08 -10.11 21.15
C ASN A 410 22.00 -9.01 22.20
N GLU A 411 23.16 -8.55 22.65
CA GLU A 411 23.20 -7.57 23.73
C GLU A 411 23.14 -6.12 23.23
N ASN A 412 23.08 -5.94 21.92
CA ASN A 412 23.13 -4.61 21.33
C ASN A 412 21.81 -4.11 20.74
N LEU A 413 21.48 -2.85 21.03
CA LEU A 413 20.23 -2.25 20.57
C LEU A 413 20.38 -1.63 19.18
N GLU A 414 21.51 -0.96 18.96
CA GLU A 414 21.75 -0.26 17.70
C GLU A 414 21.67 -1.20 16.49
N PHE A 415 22.35 -2.34 16.61
CA PHE A 415 22.24 -3.39 15.61
C PHE A 415 21.64 -4.61 16.28
N ARG A 416 20.33 -4.56 16.45
CA ARG A 416 19.57 -5.53 17.22
C ARG A 416 19.25 -6.77 16.39
N SER A 417 19.59 -7.94 16.91
CA SER A 417 19.35 -9.18 16.17
C SER A 417 19.32 -10.40 17.08
N LEU A 418 18.60 -11.41 16.64
CA LEU A 418 18.50 -12.67 17.37
C LEU A 418 19.81 -13.45 17.30
N ARG A 419 20.25 -13.99 18.44
CA ARG A 419 21.43 -14.81 18.49
C ARG A 419 21.05 -16.29 18.37
N SER A 420 19.84 -16.61 18.83
CA SER A 420 19.31 -17.96 18.68
C SER A 420 17.80 -17.96 18.50
N LEU A 421 17.33 -18.69 17.50
CA LEU A 421 15.90 -18.87 17.26
C LEU A 421 15.58 -20.35 17.03
N PRO A 422 15.37 -21.09 18.13
CA PRO A 422 15.02 -22.52 18.06
C PRO A 422 13.61 -22.68 17.53
N LEU A 423 13.47 -23.56 16.54
CA LEU A 423 12.25 -23.66 15.74
C LEU A 423 11.94 -25.12 15.45
N SER A 424 10.69 -25.52 15.69
CA SER A 424 10.22 -26.82 15.23
C SER A 424 9.60 -26.68 13.84
N LEU A 425 10.18 -27.37 12.86
CA LEU A 425 9.79 -27.19 11.46
C LEU A 425 8.46 -27.85 11.09
N ARG A 426 8.23 -29.07 11.57
CA ARG A 426 7.00 -29.79 11.29
C ARG A 426 6.04 -29.71 12.49
N SER B 25 -15.31 26.45 0.53
CA SER B 25 -14.39 25.42 0.08
C SER B 25 -14.49 25.19 -1.42
N PRO B 26 -13.34 25.05 -2.09
CA PRO B 26 -13.24 24.77 -3.53
C PRO B 26 -13.95 23.47 -3.93
N LEU B 27 -14.13 22.57 -2.97
CA LEU B 27 -14.79 21.28 -3.19
C LEU B 27 -16.28 21.42 -3.54
N ALA B 28 -16.80 22.63 -3.32
CA ALA B 28 -18.20 22.93 -3.64
C ALA B 28 -18.34 23.46 -5.05
N ASP B 29 -17.24 23.92 -5.64
CA ASP B 29 -17.25 24.53 -6.97
C ASP B 29 -17.32 23.48 -8.08
N PRO B 30 -18.39 23.53 -8.90
CA PRO B 30 -18.60 22.64 -10.04
C PRO B 30 -17.40 22.63 -10.99
N SER B 31 -16.69 23.77 -11.08
CA SER B 31 -15.59 23.93 -12.03
C SER B 31 -14.47 22.90 -11.85
N ILE B 32 -14.38 22.29 -10.67
CA ILE B 32 -13.33 21.32 -10.41
C ILE B 32 -13.69 19.90 -10.84
N VAL B 33 -14.96 19.68 -11.20
CA VAL B 33 -15.41 18.34 -11.62
C VAL B 33 -14.58 17.70 -12.75
N PRO B 34 -14.24 18.47 -13.81
CA PRO B 34 -13.40 17.86 -14.85
C PRO B 34 -12.05 17.35 -14.33
N ASP B 35 -11.45 18.06 -13.38
CA ASP B 35 -10.16 17.63 -12.80
C ASP B 35 -10.01 18.10 -11.35
N PRO B 36 -10.60 17.33 -10.41
CA PRO B 36 -10.63 17.72 -8.99
C PRO B 36 -9.34 17.41 -8.24
N TYR B 37 -8.48 16.59 -8.83
CA TYR B 37 -7.30 16.06 -8.13
C TYR B 37 -6.22 17.07 -7.66
N PRO B 38 -5.91 18.09 -8.48
CA PRO B 38 -4.96 19.10 -7.97
C PRO B 38 -5.52 19.82 -6.74
N VAL B 39 -6.83 20.07 -6.75
CA VAL B 39 -7.50 20.72 -5.63
C VAL B 39 -7.44 19.84 -4.38
N TYR B 40 -7.77 18.56 -4.55
CA TYR B 40 -7.67 17.56 -3.49
C TYR B 40 -6.26 17.60 -2.88
N ALA B 41 -5.25 17.56 -3.75
CA ALA B 41 -3.85 17.52 -3.29
C ALA B 41 -3.43 18.78 -2.53
N ASP B 42 -3.80 19.94 -3.07
CA ASP B 42 -3.50 21.23 -2.45
C ASP B 42 -4.12 21.30 -1.04
N LEU B 43 -5.43 21.13 -0.99
CA LEU B 43 -6.17 21.18 0.27
C LEU B 43 -5.62 20.16 1.28
N ALA B 44 -5.36 18.95 0.81
CA ALA B 44 -4.82 17.90 1.66
C ALA B 44 -3.46 18.30 2.22
N GLN B 45 -2.66 18.99 1.42
CA GLN B 45 -1.36 19.45 1.90
C GLN B 45 -1.50 20.57 2.93
N ARG B 46 -2.54 21.39 2.81
CA ARG B 46 -2.73 22.42 3.84
C ARG B 46 -3.56 21.98 5.07
N ARG B 47 -4.54 21.10 4.85
CA ARG B 47 -5.48 20.73 5.91
C ARG B 47 -6.22 19.44 5.54
N PRO B 48 -5.85 18.31 6.17
CA PRO B 48 -6.41 16.98 5.82
C PRO B 48 -7.93 16.87 5.92
N VAL B 49 -8.53 17.50 6.93
CA VAL B 49 -9.97 17.47 7.15
C VAL B 49 -10.46 18.90 7.26
N HIS B 50 -11.54 19.25 6.55
CA HIS B 50 -12.07 20.61 6.67
C HIS B 50 -13.55 20.74 6.34
N TRP B 51 -14.15 21.80 6.88
CA TRP B 51 -15.59 22.01 6.77
C TRP B 51 -16.01 22.52 5.39
N VAL B 52 -17.03 21.88 4.82
CA VAL B 52 -17.56 22.29 3.52
C VAL B 52 -19.02 22.71 3.68
N GLU B 53 -19.26 24.02 3.71
CA GLU B 53 -20.60 24.57 3.98
C GLU B 53 -21.68 24.02 3.07
N ARG B 54 -21.33 23.81 1.79
CA ARG B 54 -22.29 23.33 0.81
C ARG B 54 -22.78 21.89 1.07
N LEU B 55 -21.85 21.01 1.43
CA LEU B 55 -22.21 19.63 1.76
C LEU B 55 -22.80 19.51 3.16
N ASN B 56 -22.63 20.57 3.96
CA ASN B 56 -22.96 20.53 5.39
C ASN B 56 -22.25 19.35 6.04
N ALA B 57 -20.95 19.23 5.76
CA ALA B 57 -20.20 18.06 6.19
C ALA B 57 -18.71 18.32 6.29
N TRP B 58 -18.01 17.46 7.02
CA TRP B 58 -16.55 17.50 7.06
C TRP B 58 -15.97 16.65 5.92
N ALA B 59 -15.21 17.30 5.06
CA ALA B 59 -14.48 16.61 4.00
C ALA B 59 -13.18 16.06 4.56
N VAL B 60 -12.99 14.74 4.42
CA VAL B 60 -11.72 14.10 4.76
C VAL B 60 -11.05 13.58 3.50
N LEU B 61 -9.76 13.91 3.32
CA LEU B 61 -9.13 13.83 2.01
C LEU B 61 -8.02 12.77 1.86
N THR B 62 -7.42 12.36 2.97
CA THR B 62 -6.29 11.44 2.89
C THR B 62 -6.75 9.98 2.89
N TYR B 63 -5.93 9.09 2.36
CA TYR B 63 -6.24 7.67 2.34
C TYR B 63 -6.39 7.15 3.77
N ALA B 64 -5.46 7.50 4.63
CA ALA B 64 -5.45 7.03 6.01
C ALA B 64 -6.77 7.34 6.72
N ASP B 65 -7.15 8.61 6.70
CA ASP B 65 -8.37 9.06 7.38
C ASP B 65 -9.63 8.51 6.72
N CYS B 66 -9.59 8.35 5.40
CA CYS B 66 -10.73 7.78 4.67
C CYS B 66 -10.98 6.33 5.05
N ALA B 67 -9.93 5.51 5.00
CA ALA B 67 -10.04 4.11 5.40
C ALA B 67 -10.50 4.01 6.85
N ALA B 68 -9.83 4.77 7.71
CA ALA B 68 -10.16 4.82 9.13
C ALA B 68 -11.64 5.12 9.36
N GLY B 69 -12.16 6.13 8.65
CA GLY B 69 -13.55 6.50 8.77
C GLY B 69 -14.46 5.44 8.19
N LEU B 70 -13.95 4.72 7.18
CA LEU B 70 -14.71 3.67 6.53
C LEU B 70 -14.93 2.53 7.51
N LYS B 71 -13.97 2.29 8.40
CA LYS B 71 -14.16 1.22 9.39
C LYS B 71 -14.41 1.66 10.84
N ASP B 72 -14.66 2.95 11.06
CA ASP B 72 -14.86 3.47 12.42
C ASP B 72 -16.26 3.18 12.96
N PRO B 73 -16.33 2.34 14.01
CA PRO B 73 -17.63 1.96 14.60
C PRO B 73 -18.32 3.16 15.25
N ARG B 74 -17.59 4.24 15.50
CA ARG B 74 -18.17 5.46 16.06
C ARG B 74 -18.90 6.26 14.97
N LEU B 75 -18.72 5.84 13.72
CA LEU B 75 -19.37 6.50 12.59
C LEU B 75 -20.49 5.61 12.04
N THR B 76 -21.65 6.21 11.80
CA THR B 76 -22.82 5.45 11.39
C THR B 76 -23.19 5.68 9.93
N ALA B 77 -23.74 4.65 9.29
CA ALA B 77 -24.19 4.75 7.91
C ALA B 77 -25.68 5.08 7.84
N ASP B 78 -26.33 5.18 9.00
CA ASP B 78 -27.73 5.59 9.07
C ASP B 78 -27.82 7.07 8.72
N ARG B 79 -27.80 7.36 7.43
CA ARG B 79 -27.50 8.71 6.95
C ARG B 79 -28.55 9.24 5.98
N GLY B 80 -29.50 8.39 5.58
CA GLY B 80 -30.48 8.74 4.56
C GLY B 80 -31.18 10.06 4.80
N THR B 81 -31.58 10.29 6.05
CA THR B 81 -32.26 11.52 6.44
C THR B 81 -31.41 12.74 6.09
N GLU B 82 -30.15 12.70 6.47
CA GLU B 82 -29.23 13.82 6.28
C GLU B 82 -29.03 14.19 4.81
N VAL B 83 -28.78 13.21 3.97
CA VAL B 83 -28.59 13.48 2.55
C VAL B 83 -29.89 13.91 1.86
N LEU B 84 -31.00 13.26 2.19
CA LEU B 84 -32.28 13.61 1.55
C LEU B 84 -32.70 15.03 1.94
N ALA B 85 -32.51 15.37 3.21
CA ALA B 85 -32.80 16.72 3.70
C ALA B 85 -31.81 17.73 3.17
N ALA B 86 -30.60 17.26 2.87
CA ALA B 86 -29.60 18.10 2.23
C ALA B 86 -30.07 18.45 0.82
N LYS B 87 -30.75 17.49 0.17
CA LYS B 87 -31.24 17.69 -1.18
C LYS B 87 -32.53 18.53 -1.22
N PHE B 88 -33.38 18.36 -0.21
CA PHE B 88 -34.62 19.12 -0.10
C PHE B 88 -34.76 19.73 1.29
N PRO B 89 -34.05 20.86 1.55
CA PRO B 89 -34.03 21.51 2.86
C PRO B 89 -35.39 21.98 3.35
N GLY B 90 -35.67 21.77 4.64
CA GLY B 90 -36.88 22.25 5.25
C GLY B 90 -38.16 21.59 4.79
N GLN B 91 -38.09 20.30 4.45
CA GLN B 91 -39.26 19.55 4.06
C GLN B 91 -39.32 18.20 4.78
N PRO B 92 -39.67 18.21 6.07
CA PRO B 92 -39.66 16.99 6.88
C PRO B 92 -40.73 16.00 6.43
N LEU B 93 -40.49 14.71 6.68
CA LEU B 93 -41.43 13.67 6.34
C LEU B 93 -41.78 12.87 7.59
N PRO B 94 -42.95 12.21 7.60
CA PRO B 94 -43.27 11.30 8.72
C PRO B 94 -42.27 10.14 8.74
N PRO B 95 -41.95 9.62 9.93
CA PRO B 95 -40.99 8.51 10.09
C PRO B 95 -41.41 7.18 9.45
N ASP B 96 -42.67 7.09 9.02
CA ASP B 96 -43.15 5.86 8.39
C ASP B 96 -43.11 5.95 6.86
N ASN B 97 -42.58 7.05 6.35
CA ASN B 97 -42.47 7.28 4.91
C ASN B 97 -41.59 6.24 4.21
N ILE B 98 -41.90 5.96 2.95
CA ILE B 98 -41.21 4.91 2.18
C ILE B 98 -39.68 5.05 2.20
N PHE B 99 -39.18 6.27 2.03
CA PHE B 99 -37.73 6.49 2.00
C PHE B 99 -37.08 6.03 3.29
N HIS B 100 -37.72 6.36 4.41
CA HIS B 100 -37.12 6.04 5.70
C HIS B 100 -37.23 4.57 6.08
N ARG B 101 -38.35 3.92 5.76
CA ARG B 101 -38.44 2.47 5.96
C ARG B 101 -37.39 1.78 5.11
N TRP B 102 -37.27 2.25 3.88
CA TRP B 102 -36.27 1.77 2.94
C TRP B 102 -34.86 1.87 3.53
N THR B 103 -34.48 3.05 4.01
CA THR B 103 -33.16 3.23 4.59
C THR B 103 -32.98 2.38 5.85
N LYS B 104 -34.06 2.19 6.59
CA LYS B 104 -34.02 1.37 7.79
C LYS B 104 -33.84 -0.11 7.47
N ASN B 105 -34.16 -0.52 6.24
CA ASN B 105 -34.12 -1.96 5.92
C ASN B 105 -33.17 -2.42 4.81
N VAL B 106 -32.15 -1.62 4.50
CA VAL B 106 -31.16 -2.03 3.51
C VAL B 106 -29.74 -1.91 4.05
N VAL B 107 -28.82 -2.67 3.46
CA VAL B 107 -27.44 -2.72 3.94
C VAL B 107 -26.73 -1.37 3.89
N MET B 108 -26.98 -0.63 2.81
CA MET B 108 -26.30 0.63 2.56
C MET B 108 -26.39 1.62 3.72
N TYR B 109 -27.53 1.62 4.40
CA TYR B 109 -27.78 2.62 5.44
C TYR B 109 -28.01 2.04 6.83
N THR B 110 -27.58 0.80 7.04
CA THR B 110 -27.76 0.15 8.35
C THR B 110 -26.42 -0.21 9.01
N ASP B 111 -26.41 -0.19 10.33
CA ASP B 111 -25.24 -0.59 11.09
C ASP B 111 -25.42 -2.01 11.57
N PRO B 112 -24.31 -2.75 11.79
CA PRO B 112 -24.42 -4.08 12.39
C PRO B 112 -25.13 -3.96 13.75
N PRO B 113 -25.84 -5.02 14.17
CA PRO B 113 -25.94 -6.35 13.57
C PRO B 113 -26.97 -6.48 12.43
N LEU B 114 -27.98 -5.62 12.37
CA LEU B 114 -29.00 -5.69 11.32
C LEU B 114 -28.39 -5.72 9.91
N HIS B 115 -27.38 -4.87 9.70
CA HIS B 115 -26.69 -4.80 8.42
C HIS B 115 -26.17 -6.15 7.98
N ASP B 116 -25.58 -6.89 8.91
CA ASP B 116 -24.95 -8.17 8.59
C ASP B 116 -25.96 -9.25 8.23
N ALA B 117 -27.10 -9.24 8.90
CA ALA B 117 -28.19 -10.15 8.54
C ALA B 117 -28.70 -9.81 7.15
N LEU B 118 -28.92 -8.51 6.92
CA LEU B 118 -29.37 -8.04 5.61
C LEU B 118 -28.41 -8.43 4.48
N ARG B 119 -27.12 -8.30 4.75
CA ARG B 119 -26.09 -8.65 3.77
C ARG B 119 -26.02 -10.14 3.52
N ARG B 120 -26.05 -10.92 4.60
CA ARG B 120 -26.06 -12.38 4.48
C ARG B 120 -27.27 -12.88 3.70
N SER B 121 -28.39 -12.17 3.82
CA SER B 121 -29.60 -12.62 3.14
C SER B 121 -29.53 -12.53 1.60
N VAL B 122 -28.53 -11.81 1.09
CA VAL B 122 -28.37 -11.72 -0.38
C VAL B 122 -27.12 -12.44 -0.90
N ARG B 123 -26.56 -13.34 -0.10
CA ARG B 123 -25.35 -14.08 -0.48
C ARG B 123 -25.52 -14.87 -1.77
N ALA B 124 -26.70 -15.43 -1.98
CA ALA B 124 -26.94 -16.39 -3.05
C ALA B 124 -26.65 -15.85 -4.46
N GLY B 125 -26.78 -14.54 -4.64
CA GLY B 125 -26.56 -13.96 -5.94
C GLY B 125 -25.09 -13.66 -6.21
N PHE B 126 -24.25 -13.85 -5.20
CA PHE B 126 -22.86 -13.42 -5.28
C PHE B 126 -21.86 -14.45 -4.75
N THR B 127 -22.19 -15.73 -4.93
CA THR B 127 -21.28 -16.80 -4.55
C THR B 127 -20.13 -16.93 -5.54
N ARG B 128 -19.23 -17.87 -5.26
CA ARG B 128 -18.07 -18.11 -6.12
C ARG B 128 -18.50 -18.69 -7.46
N ALA B 129 -19.38 -19.70 -7.41
CA ALA B 129 -19.90 -20.33 -8.62
C ALA B 129 -20.65 -19.32 -9.48
N ALA B 130 -21.47 -18.50 -8.82
CA ALA B 130 -22.22 -17.44 -9.48
C ALA B 130 -21.28 -16.55 -10.28
N HIS B 131 -20.22 -16.09 -9.62
CA HIS B 131 -19.22 -15.24 -10.29
C HIS B 131 -18.51 -15.98 -11.41
N GLN B 132 -18.37 -17.30 -11.27
CA GLN B 132 -17.80 -18.09 -12.34
C GLN B 132 -18.71 -18.08 -13.58
N HIS B 133 -20.02 -18.07 -13.36
CA HIS B 133 -20.97 -17.93 -14.47
C HIS B 133 -20.94 -16.52 -15.08
N TYR B 134 -20.98 -15.53 -14.18
CA TYR B 134 -21.00 -14.12 -14.58
C TYR B 134 -19.77 -13.78 -15.40
N ASP B 135 -18.65 -14.40 -15.07
CA ASP B 135 -17.39 -14.20 -15.78
C ASP B 135 -17.55 -14.45 -17.28
N GLN B 136 -18.05 -15.64 -17.60
CA GLN B 136 -18.26 -16.04 -18.99
C GLN B 136 -19.38 -15.20 -19.66
N VAL B 137 -20.49 -15.01 -18.95
CA VAL B 137 -21.57 -14.16 -19.50
C VAL B 137 -21.05 -12.78 -19.91
N LEU B 138 -20.22 -12.19 -19.06
CA LEU B 138 -19.70 -10.84 -19.28
C LEU B 138 -18.64 -10.80 -20.37
N GLN B 139 -17.79 -11.83 -20.43
CA GLN B 139 -16.86 -11.96 -21.54
C GLN B 139 -17.65 -11.92 -22.86
N LYS B 140 -18.68 -12.74 -22.93
CA LYS B 140 -19.55 -12.81 -24.12
C LYS B 140 -20.19 -11.46 -24.45
N VAL B 141 -20.89 -10.88 -23.48
CA VAL B 141 -21.60 -9.63 -23.67
C VAL B 141 -20.69 -8.48 -24.13
N ALA B 142 -19.55 -8.34 -23.46
CA ALA B 142 -18.57 -7.32 -23.83
C ALA B 142 -18.05 -7.55 -25.26
N HIS B 143 -17.66 -8.79 -25.55
CA HIS B 143 -17.18 -9.13 -26.88
C HIS B 143 -18.18 -8.76 -27.97
N ASP B 144 -19.44 -9.15 -27.78
CA ASP B 144 -20.47 -8.83 -28.79
C ASP B 144 -20.70 -7.33 -28.91
N LEU B 145 -20.69 -6.64 -27.76
CA LEU B 145 -20.87 -5.19 -27.77
C LEU B 145 -19.81 -4.50 -28.62
N VAL B 146 -18.54 -4.85 -28.41
CA VAL B 146 -17.48 -4.26 -29.23
C VAL B 146 -17.57 -4.72 -30.70
N ALA B 147 -17.95 -5.98 -30.91
CA ALA B 147 -18.06 -6.50 -32.27
C ALA B 147 -19.15 -5.79 -33.06
N SER B 148 -20.14 -5.24 -32.38
CA SER B 148 -21.23 -4.55 -33.07
C SER B 148 -20.84 -3.18 -33.67
N ILE B 149 -19.66 -2.68 -33.31
CA ILE B 149 -19.17 -1.44 -33.90
C ILE B 149 -18.95 -1.67 -35.39
N PRO B 150 -19.54 -0.81 -36.25
CA PRO B 150 -19.41 -0.93 -37.70
C PRO B 150 -17.96 -0.98 -38.16
N ALA B 151 -17.64 -1.84 -39.12
CA ALA B 151 -16.29 -1.92 -39.63
C ALA B 151 -16.00 -0.75 -40.57
N GLY B 152 -14.88 -0.07 -40.34
CA GLY B 152 -14.56 1.12 -41.10
C GLY B 152 -15.01 2.39 -40.37
N ALA B 153 -15.57 2.21 -39.18
CA ALA B 153 -15.91 3.33 -38.31
C ALA B 153 -14.62 4.00 -37.84
N THR B 154 -14.62 5.33 -37.84
CA THR B 154 -13.43 6.09 -37.48
C THR B 154 -13.60 6.80 -36.14
N GLU B 155 -14.80 7.34 -35.91
CA GLU B 155 -15.08 8.09 -34.68
C GLU B 155 -16.36 7.62 -34.00
N ILE B 156 -16.37 7.69 -32.67
CA ILE B 156 -17.55 7.36 -31.88
C ILE B 156 -17.62 8.23 -30.63
N ASP B 157 -18.79 8.30 -30.00
CA ASP B 157 -18.89 8.87 -28.67
C ASP B 157 -18.98 7.68 -27.72
N ALA B 158 -17.92 7.45 -26.97
CA ALA B 158 -17.81 6.23 -26.15
C ALA B 158 -18.85 6.12 -25.02
N VAL B 159 -19.41 7.24 -24.58
CA VAL B 159 -20.40 7.19 -23.50
C VAL B 159 -21.73 6.55 -23.92
N PRO B 160 -22.43 7.11 -24.92
CA PRO B 160 -23.72 6.49 -25.25
C PRO B 160 -23.55 5.15 -25.96
N ALA B 161 -22.52 5.03 -26.79
CA ALA B 161 -22.32 3.83 -27.60
C ALA B 161 -21.79 2.63 -26.81
N LEU B 162 -21.01 2.89 -25.77
CA LEU B 162 -20.32 1.80 -25.06
C LEU B 162 -20.50 1.82 -23.56
N ALA B 163 -20.10 2.92 -22.92
CA ALA B 163 -20.10 3.01 -21.46
C ALA B 163 -21.51 2.94 -20.87
N ALA B 164 -22.49 3.46 -21.60
CA ALA B 164 -23.86 3.47 -21.11
C ALA B 164 -24.60 2.19 -21.49
N GLU B 165 -24.07 1.49 -22.49
CA GLU B 165 -24.73 0.29 -23.03
C GLU B 165 -24.36 -0.99 -22.28
N LEU B 166 -23.08 -1.19 -22.02
CA LEU B 166 -22.63 -2.40 -21.32
C LEU B 166 -23.30 -2.68 -19.96
N PRO B 167 -23.45 -1.65 -19.10
CA PRO B 167 -24.10 -1.90 -17.80
C PRO B 167 -25.56 -2.35 -17.95
N VAL B 168 -26.25 -1.82 -18.94
CA VAL B 168 -27.64 -2.21 -19.18
C VAL B 168 -27.71 -3.66 -19.65
N ARG B 169 -26.80 -4.03 -20.54
CA ARG B 169 -26.71 -5.41 -21.03
C ARG B 169 -26.30 -6.36 -19.91
N SER B 170 -25.43 -5.90 -19.03
CA SER B 170 -25.03 -6.71 -17.88
C SER B 170 -26.20 -6.89 -16.92
N ALA B 171 -26.99 -5.84 -16.75
CA ALA B 171 -28.18 -5.89 -15.89
C ALA B 171 -29.13 -6.99 -16.34
N VAL B 172 -29.29 -7.12 -17.67
CA VAL B 172 -30.16 -8.13 -18.24
C VAL B 172 -29.58 -9.53 -18.11
N HIS B 173 -28.36 -9.72 -18.60
CA HIS B 173 -27.78 -11.06 -18.74
C HIS B 173 -27.00 -11.56 -17.52
N ALA B 174 -26.61 -10.67 -16.62
CA ALA B 174 -25.93 -11.09 -15.38
C ALA B 174 -26.83 -10.90 -14.17
N PHE B 175 -27.49 -9.74 -14.10
CA PHE B 175 -28.33 -9.42 -12.94
C PHE B 175 -29.74 -9.96 -13.07
N GLY B 176 -30.18 -10.22 -14.30
CA GLY B 176 -31.46 -10.87 -14.53
C GLY B 176 -32.64 -9.92 -14.57
N VAL B 177 -32.37 -8.63 -14.73
CA VAL B 177 -33.43 -7.67 -14.97
C VAL B 177 -34.05 -8.01 -16.31
N PRO B 178 -35.38 -8.19 -16.35
CA PRO B 178 -36.03 -8.50 -17.62
C PRO B 178 -35.85 -7.36 -18.61
N GLU B 179 -35.31 -7.67 -19.77
CA GLU B 179 -35.09 -6.68 -20.83
C GLU B 179 -36.34 -5.84 -21.08
N GLU B 180 -37.48 -6.50 -21.20
CA GLU B 180 -38.74 -5.83 -21.50
C GLU B 180 -39.20 -4.88 -20.39
N ASP B 181 -38.52 -4.89 -19.25
CA ASP B 181 -38.88 -4.01 -18.14
C ASP B 181 -37.93 -2.82 -18.04
N LEU B 182 -36.88 -2.82 -18.86
CA LEU B 182 -35.88 -1.75 -18.84
C LEU B 182 -36.52 -0.36 -18.90
N GLY B 183 -37.40 -0.18 -19.90
CA GLY B 183 -38.08 1.09 -20.10
C GLY B 183 -38.86 1.58 -18.90
N PHE B 184 -39.21 0.68 -18.00
CA PHE B 184 -39.89 1.07 -16.76
C PHE B 184 -38.89 1.49 -15.69
N LEU B 185 -37.78 0.75 -15.60
CA LEU B 185 -36.85 0.88 -14.47
C LEU B 185 -35.87 2.04 -14.59
N ILE B 186 -35.27 2.18 -15.77
CA ILE B 186 -34.25 3.20 -16.00
C ILE B 186 -34.71 4.65 -15.77
N PRO B 187 -35.89 5.04 -16.30
CA PRO B 187 -36.32 6.41 -16.02
C PRO B 187 -36.54 6.64 -14.53
N ARG B 188 -37.12 5.65 -13.84
CA ARG B 188 -37.33 5.75 -12.39
C ARG B 188 -36.04 6.05 -11.64
N VAL B 189 -34.99 5.28 -11.95
CA VAL B 189 -33.70 5.45 -11.29
C VAL B 189 -33.12 6.83 -11.60
N ASN B 190 -33.22 7.24 -12.86
CA ASN B 190 -32.70 8.55 -13.28
C ASN B 190 -33.29 9.71 -12.48
N THR B 191 -34.61 9.74 -12.32
CA THR B 191 -35.25 10.81 -11.54
C THR B 191 -34.92 10.71 -10.05
N ILE B 192 -34.78 9.49 -9.54
CA ILE B 192 -34.36 9.29 -8.16
C ILE B 192 -32.94 9.83 -8.00
N MET B 193 -32.10 9.62 -9.02
CA MET B 193 -30.71 10.02 -8.99
C MET B 193 -30.47 11.48 -9.41
N THR B 194 -31.54 12.26 -9.53
CA THR B 194 -31.50 13.65 -10.00
C THR B 194 -31.08 13.79 -11.47
N VAL B 204 -37.86 15.47 -9.69
CA VAL B 204 -37.19 16.73 -9.38
C VAL B 204 -37.60 17.23 -7.98
N THR B 205 -38.85 16.98 -7.59
CA THR B 205 -39.30 17.30 -6.24
C THR B 205 -39.29 16.06 -5.35
N GLN B 206 -39.27 16.27 -4.04
CA GLN B 206 -39.18 15.20 -3.06
C GLN B 206 -40.31 14.17 -3.19
N GLU B 207 -41.52 14.67 -3.38
CA GLU B 207 -42.71 13.82 -3.49
C GLU B 207 -42.64 12.86 -4.70
N ILE B 208 -42.22 13.38 -5.84
CA ILE B 208 -42.05 12.56 -7.03
C ILE B 208 -40.98 11.48 -6.80
N ILE B 209 -39.91 11.84 -6.10
CA ILE B 209 -38.87 10.87 -5.77
C ILE B 209 -39.44 9.75 -4.87
N LEU B 210 -40.24 10.13 -3.87
CA LEU B 210 -40.91 9.16 -3.01
C LEU B 210 -41.78 8.21 -3.84
N GLU B 211 -42.55 8.79 -4.76
CA GLU B 211 -43.41 8.00 -5.63
C GLU B 211 -42.62 7.01 -6.49
N LYS B 212 -41.51 7.47 -7.04
CA LYS B 212 -40.67 6.61 -7.88
C LYS B 212 -40.06 5.47 -7.06
N LEU B 213 -39.67 5.77 -5.82
CA LEU B 213 -39.13 4.73 -4.93
C LEU B 213 -40.20 3.69 -4.62
N THR B 214 -41.42 4.16 -4.37
CA THR B 214 -42.57 3.27 -4.21
C THR B 214 -42.71 2.37 -5.44
N ASP B 215 -42.56 2.97 -6.62
CA ASP B 215 -42.65 2.22 -7.87
C ASP B 215 -41.61 1.12 -7.93
N LEU B 216 -40.38 1.42 -7.53
CA LEU B 216 -39.32 0.42 -7.50
C LEU B 216 -39.63 -0.72 -6.53
N HIS B 217 -40.18 -0.38 -5.36
CA HIS B 217 -40.57 -1.42 -4.41
C HIS B 217 -41.65 -2.35 -4.97
N THR B 218 -42.73 -1.75 -5.45
CA THR B 218 -43.84 -2.50 -6.03
C THR B 218 -43.37 -3.39 -7.18
N TYR B 219 -42.53 -2.84 -8.06
CA TYR B 219 -41.96 -3.63 -9.15
C TYR B 219 -41.14 -4.80 -8.59
N ALA B 220 -40.37 -4.54 -7.54
CA ALA B 220 -39.55 -5.60 -6.96
C ALA B 220 -40.42 -6.76 -6.46
N SER B 221 -41.47 -6.44 -5.70
CA SER B 221 -42.35 -7.48 -5.19
C SER B 221 -43.06 -8.24 -6.32
N GLU B 222 -43.63 -7.51 -7.27
CA GLU B 222 -44.31 -8.15 -8.40
C GLU B 222 -43.37 -9.06 -9.19
N LEU B 223 -42.13 -8.61 -9.37
CA LEU B 223 -41.11 -9.36 -10.09
C LEU B 223 -40.79 -10.64 -9.37
N LEU B 224 -40.60 -10.54 -8.05
CA LEU B 224 -40.37 -11.72 -7.22
C LEU B 224 -41.55 -12.69 -7.24
N GLN B 225 -42.75 -12.16 -7.46
CA GLN B 225 -43.95 -13.00 -7.48
C GLN B 225 -44.27 -13.59 -8.85
N GLY B 226 -43.51 -13.19 -9.87
CA GLY B 226 -43.66 -13.76 -11.19
C GLY B 226 -44.64 -13.03 -12.09
N MET B 227 -45.20 -11.93 -11.61
CA MET B 227 -46.17 -11.17 -12.40
C MET B 227 -45.51 -10.08 -13.26
N ARG B 228 -44.22 -10.24 -13.55
CA ARG B 228 -43.52 -9.28 -14.41
C ARG B 228 -42.80 -9.99 -15.55
N GLY B 229 -41.68 -9.40 -15.99
CA GLY B 229 -40.90 -9.98 -17.07
C GLY B 229 -40.24 -11.28 -16.65
N LYS B 230 -39.77 -12.05 -17.63
CA LYS B 230 -39.05 -13.29 -17.34
C LYS B 230 -37.67 -12.96 -16.80
N VAL B 231 -37.32 -13.56 -15.67
CA VAL B 231 -35.99 -13.42 -15.12
C VAL B 231 -35.12 -14.55 -15.64
N LEU B 232 -34.08 -14.21 -16.40
CA LEU B 232 -33.15 -15.21 -16.92
C LEU B 232 -32.57 -16.07 -15.79
N PRO B 233 -32.40 -17.37 -16.04
CA PRO B 233 -31.91 -18.25 -14.98
C PRO B 233 -30.41 -18.05 -14.71
N ASP B 234 -29.97 -18.42 -13.52
CA ASP B 234 -28.56 -18.32 -13.12
C ASP B 234 -28.04 -16.89 -13.05
N THR B 235 -28.95 -15.93 -13.09
CA THR B 235 -28.60 -14.53 -12.90
C THR B 235 -28.59 -14.22 -11.41
N VAL B 236 -28.27 -12.98 -11.05
CA VAL B 236 -28.28 -12.56 -9.66
C VAL B 236 -29.68 -12.67 -9.05
N ILE B 237 -30.67 -12.12 -9.76
CA ILE B 237 -32.05 -12.07 -9.29
C ILE B 237 -32.72 -13.44 -9.20
N ALA B 238 -32.38 -14.34 -10.12
CA ALA B 238 -32.92 -15.69 -10.10
C ALA B 238 -32.43 -16.46 -8.88
N ARG B 239 -31.13 -16.33 -8.60
CA ARG B 239 -30.54 -16.92 -7.41
C ARG B 239 -31.12 -16.33 -6.13
N LEU B 240 -31.30 -15.00 -6.13
CA LEU B 240 -31.93 -14.32 -4.99
C LEU B 240 -33.35 -14.86 -4.76
N ALA B 241 -34.07 -15.08 -5.85
CA ALA B 241 -35.45 -15.53 -5.77
C ALA B 241 -35.54 -16.96 -5.28
N ALA B 242 -34.60 -17.80 -5.71
CA ALA B 242 -34.59 -19.20 -5.28
C ALA B 242 -34.25 -19.37 -3.80
N ALA B 243 -33.63 -18.36 -3.21
CA ALA B 243 -33.15 -18.44 -1.82
C ALA B 243 -34.12 -17.86 -0.80
N GLN B 244 -35.24 -17.32 -1.28
CA GLN B 244 -36.20 -16.63 -0.42
C GLN B 244 -36.82 -17.51 0.67
N ASP B 245 -37.20 -18.73 0.32
CA ASP B 245 -37.86 -19.64 1.26
C ASP B 245 -36.91 -20.10 2.38
N GLY B 246 -35.61 -20.05 2.11
CA GLY B 246 -34.62 -20.50 3.07
C GLY B 246 -34.06 -19.42 3.98
N LEU B 247 -34.62 -18.22 3.91
CA LEU B 247 -34.15 -17.11 4.74
C LEU B 247 -34.70 -17.18 6.17
N THR B 248 -33.88 -16.78 7.14
CA THR B 248 -34.25 -16.93 8.55
C THR B 248 -34.08 -15.67 9.39
N GLU B 249 -33.16 -14.80 9.00
CA GLU B 249 -32.85 -13.60 9.77
C GLU B 249 -33.65 -12.39 9.29
N THR B 250 -34.19 -12.49 8.07
CA THR B 250 -34.83 -11.35 7.44
C THR B 250 -36.23 -11.64 6.91
N THR B 251 -36.94 -10.57 6.55
CA THR B 251 -38.33 -10.64 6.14
C THR B 251 -38.46 -10.38 4.63
N PRO B 252 -39.59 -10.82 4.02
CA PRO B 252 -39.85 -10.57 2.59
C PRO B 252 -39.81 -9.09 2.23
N GLU B 253 -40.39 -8.25 3.10
CA GLU B 253 -40.36 -6.81 2.94
C GLU B 253 -38.93 -6.31 2.77
N GLN B 254 -38.00 -6.89 3.54
CA GLN B 254 -36.61 -6.47 3.48
C GLN B 254 -35.97 -6.90 2.16
N THR B 255 -36.37 -8.05 1.65
CA THR B 255 -35.93 -8.48 0.32
C THR B 255 -36.40 -7.47 -0.71
N VAL B 256 -37.64 -7.00 -0.57
CA VAL B 256 -38.16 -5.97 -1.48
C VAL B 256 -37.35 -4.67 -1.41
N HIS B 257 -37.18 -4.13 -0.20
CA HIS B 257 -36.36 -2.92 0.00
C HIS B 257 -34.98 -3.05 -0.64
N GLN B 258 -34.31 -4.16 -0.32
CA GLN B 258 -32.95 -4.37 -0.81
C GLN B 258 -32.90 -4.54 -2.32
N LEU B 259 -33.94 -5.12 -2.90
CA LEU B 259 -34.02 -5.27 -4.34
C LEU B 259 -34.19 -3.90 -5.00
N ALA B 260 -34.96 -3.02 -4.36
CA ALA B 260 -35.05 -1.64 -4.82
C ALA B 260 -33.67 -0.95 -4.80
N LEU B 261 -32.96 -1.13 -3.69
CA LEU B 261 -31.58 -0.62 -3.62
C LEU B 261 -30.75 -1.15 -4.78
N VAL B 262 -30.91 -2.44 -5.08
CA VAL B 262 -30.18 -3.08 -6.17
C VAL B 262 -30.49 -2.45 -7.52
N PHE B 263 -31.76 -2.18 -7.78
CA PHE B 263 -32.13 -1.50 -9.02
C PHE B 263 -31.46 -0.14 -9.13
N ILE B 264 -31.57 0.64 -8.05
CA ILE B 264 -30.94 1.96 -8.04
C ILE B 264 -29.44 1.90 -8.32
N ALA B 265 -28.73 1.04 -7.60
CA ALA B 265 -27.29 0.91 -7.80
C ALA B 265 -26.96 0.42 -9.21
N LEU B 266 -27.82 -0.44 -9.73
CA LEU B 266 -27.63 -1.05 -11.03
C LEU B 266 -27.72 -0.02 -12.15
N PHE B 267 -28.66 0.91 -12.04
CA PHE B 267 -28.83 1.89 -13.11
C PHE B 267 -28.28 3.29 -12.79
N ALA B 268 -27.49 3.37 -11.73
CA ALA B 268 -26.79 4.60 -11.36
C ALA B 268 -25.64 4.85 -12.34
N PRO B 269 -25.18 6.11 -12.45
CA PRO B 269 -24.09 6.41 -13.41
C PRO B 269 -22.71 5.92 -12.98
N THR B 270 -22.61 5.23 -11.85
CA THR B 270 -21.31 4.75 -11.35
C THR B 270 -20.57 3.82 -12.31
N THR B 271 -21.26 2.79 -12.78
CA THR B 271 -20.68 1.83 -13.72
C THR B 271 -20.27 2.45 -15.07
N PRO B 272 -21.21 3.15 -15.75
CA PRO B 272 -20.80 3.84 -16.98
C PRO B 272 -19.64 4.79 -16.73
N GLY B 273 -19.66 5.47 -15.58
CA GLY B 273 -18.59 6.37 -15.20
C GLY B 273 -17.24 5.67 -15.16
N SER B 274 -17.21 4.50 -14.52
CA SER B 274 -15.99 3.70 -14.47
C SER B 274 -15.52 3.29 -15.86
N LEU B 275 -16.44 2.78 -16.67
CA LEU B 275 -16.10 2.34 -18.02
C LEU B 275 -15.52 3.47 -18.89
N SER B 276 -16.16 4.63 -18.84
CA SER B 276 -15.77 5.76 -19.68
C SER B 276 -14.49 6.43 -19.20
N SER B 277 -14.35 6.54 -17.88
CA SER B 277 -13.14 7.13 -17.31
C SER B 277 -11.96 6.23 -17.61
N GLY B 278 -12.16 4.92 -17.49
CA GLY B 278 -11.12 3.98 -17.86
C GLY B 278 -10.76 4.07 -19.34
N THR B 279 -11.78 4.24 -20.17
CA THR B 279 -11.55 4.37 -21.60
C THR B 279 -10.73 5.62 -21.95
N LEU B 280 -11.05 6.74 -21.30
CA LEU B 280 -10.26 7.96 -21.47
C LEU B 280 -8.82 7.74 -20.99
N ALA B 281 -8.70 7.04 -19.86
CA ALA B 281 -7.41 6.70 -19.29
C ALA B 281 -6.53 5.94 -20.29
N PHE B 282 -7.10 4.92 -20.93
CA PHE B 282 -6.35 4.20 -21.97
C PHE B 282 -6.08 5.06 -23.20
N ALA B 283 -7.05 5.88 -23.57
CA ALA B 283 -6.91 6.77 -24.71
C ALA B 283 -5.71 7.71 -24.56
N ARG B 284 -5.47 8.16 -23.33
CA ARG B 284 -4.37 9.10 -23.08
C ARG B 284 -3.05 8.44 -22.67
N ASN B 285 -3.04 7.11 -22.54
CA ASN B 285 -1.82 6.41 -22.14
C ASN B 285 -1.54 5.15 -22.99
N PRO B 286 -1.02 5.35 -24.22
CA PRO B 286 -0.74 4.26 -25.17
C PRO B 286 0.27 3.23 -24.64
N ARG B 287 1.19 3.67 -23.79
CA ARG B 287 2.15 2.75 -23.20
C ARG B 287 1.42 1.73 -22.32
N GLN B 288 0.29 2.15 -21.74
CA GLN B 288 -0.53 1.25 -20.94
C GLN B 288 -1.39 0.32 -21.83
N VAL B 289 -1.75 0.77 -23.02
CA VAL B 289 -2.38 -0.13 -23.98
C VAL B 289 -1.38 -1.22 -24.35
N GLU B 290 -0.15 -0.81 -24.58
CA GLU B 290 0.92 -1.76 -24.87
C GLU B 290 1.15 -2.74 -23.72
N ARG B 291 1.16 -2.23 -22.49
CA ARG B 291 1.31 -3.09 -21.32
C ARG B 291 0.15 -4.09 -21.19
N PHE B 292 -1.06 -3.60 -21.41
CA PHE B 292 -2.27 -4.42 -21.35
C PHE B 292 -2.16 -5.54 -22.37
N LEU B 293 -1.72 -5.21 -23.57
CA LEU B 293 -1.63 -6.21 -24.65
C LEU B 293 -0.45 -7.15 -24.50
N ALA B 294 0.57 -6.72 -23.76
CA ALA B 294 1.80 -7.52 -23.65
C ALA B 294 1.82 -8.43 -22.43
N ASP B 295 1.05 -8.09 -21.40
CA ASP B 295 1.17 -8.75 -20.11
C ASP B 295 -0.18 -9.07 -19.48
N GLN B 296 -0.43 -10.35 -19.20
CA GLN B 296 -1.68 -10.77 -18.58
C GLN B 296 -1.85 -10.19 -17.19
N ALA B 297 -0.73 -9.91 -16.53
CA ALA B 297 -0.76 -9.31 -15.19
C ALA B 297 -1.35 -7.91 -15.24
N CYS B 298 -1.08 -7.20 -16.34
CA CYS B 298 -1.62 -5.86 -16.52
C CYS B 298 -3.10 -5.92 -16.87
N VAL B 299 -3.50 -6.96 -17.58
CA VAL B 299 -4.90 -7.21 -17.85
C VAL B 299 -5.65 -7.45 -16.54
N ASP B 300 -5.08 -8.29 -15.68
CA ASP B 300 -5.74 -8.66 -14.43
C ASP B 300 -5.74 -7.53 -13.39
N ASN B 301 -4.88 -6.54 -13.58
CA ASN B 301 -4.83 -5.38 -12.67
C ASN B 301 -5.58 -4.18 -13.26
N THR B 302 -6.18 -4.38 -14.43
CA THR B 302 -6.83 -3.27 -15.15
C THR B 302 -8.03 -2.67 -14.42
N ALA B 303 -8.95 -3.53 -13.97
CA ALA B 303 -10.13 -3.08 -13.26
C ALA B 303 -9.76 -2.20 -12.08
N ASN B 304 -8.88 -2.71 -11.22
CA ASN B 304 -8.44 -1.99 -10.03
C ASN B 304 -7.74 -0.66 -10.30
N GLU B 305 -6.92 -0.60 -11.34
CA GLU B 305 -6.21 0.64 -11.64
C GLU B 305 -7.14 1.66 -12.28
N VAL B 306 -8.10 1.19 -13.06
CA VAL B 306 -9.13 2.05 -13.63
C VAL B 306 -9.98 2.65 -12.51
N LEU B 307 -10.35 1.81 -11.54
CA LEU B 307 -11.17 2.25 -10.42
C LEU B 307 -10.43 3.20 -9.49
N ARG B 308 -9.15 2.92 -9.25
CA ARG B 308 -8.32 3.80 -8.44
C ARG B 308 -8.13 5.14 -9.14
N TYR B 309 -7.91 5.11 -10.45
CA TYR B 309 -7.62 6.32 -11.21
C TYR B 309 -8.76 7.33 -11.14
N ASN B 310 -9.99 6.84 -11.27
CA ASN B 310 -11.18 7.68 -11.13
C ASN B 310 -12.29 6.95 -10.37
N ALA B 311 -12.47 7.28 -9.10
CA ALA B 311 -13.63 6.81 -8.37
C ALA B 311 -14.86 7.44 -9.02
N SER B 312 -15.84 6.61 -9.38
CA SER B 312 -17.10 7.12 -9.90
C SER B 312 -17.83 7.82 -8.77
N ASN B 313 -17.70 7.23 -7.58
N ASN B 313 -17.66 7.27 -7.57
CA ASN B 313 -18.17 7.83 -6.34
CA ASN B 313 -18.20 7.88 -6.36
C ASN B 313 -17.01 8.60 -5.71
C ASN B 313 -17.09 8.63 -5.64
N GLN B 314 -16.92 9.91 -5.97
CA GLN B 314 -15.81 10.71 -5.43
C GLN B 314 -15.84 10.82 -3.91
N PHE B 315 -17.04 10.74 -3.33
CA PHE B 315 -17.17 10.70 -1.87
C PHE B 315 -18.43 9.97 -1.39
N THR B 316 -18.33 9.32 -0.23
CA THR B 316 -19.49 8.71 0.42
C THR B 316 -19.69 9.36 1.79
N TRP B 317 -20.83 9.09 2.43
CA TRP B 317 -21.17 9.80 3.66
C TRP B 317 -21.09 8.94 4.92
N ARG B 318 -20.79 9.58 6.04
CA ARG B 318 -21.00 8.96 7.36
C ARG B 318 -21.54 10.01 8.31
N VAL B 319 -22.12 9.58 9.42
CA VAL B 319 -22.54 10.51 10.47
C VAL B 319 -21.87 10.10 11.77
N ALA B 320 -21.34 11.05 12.51
CA ALA B 320 -20.72 10.75 13.80
C ALA B 320 -21.80 10.44 14.83
N ALA B 321 -21.79 9.23 15.35
CA ALA B 321 -22.70 8.83 16.42
C ALA B 321 -22.12 9.25 17.77
N LYS B 322 -20.81 9.44 17.78
CA LYS B 322 -20.10 9.97 18.94
C LYS B 322 -19.09 10.98 18.44
N ASP B 323 -18.63 11.88 19.31
CA ASP B 323 -17.55 12.79 18.98
C ASP B 323 -16.35 11.98 18.50
N VAL B 324 -15.73 12.41 17.41
CA VAL B 324 -14.49 11.77 16.97
C VAL B 324 -13.43 12.83 16.71
N GLU B 325 -12.21 12.39 16.43
CA GLU B 325 -11.13 13.31 16.11
C GLU B 325 -10.42 12.85 14.84
N MET B 326 -10.36 13.73 13.84
CA MET B 326 -9.71 13.42 12.57
C MET B 326 -9.01 14.65 12.03
N GLY B 327 -7.73 14.50 11.65
CA GLY B 327 -6.97 15.60 11.08
C GLY B 327 -6.78 16.76 12.03
N GLY B 328 -6.67 16.46 13.33
CA GLY B 328 -6.48 17.48 14.35
C GLY B 328 -7.77 18.23 14.61
N VAL B 329 -8.88 17.68 14.16
CA VAL B 329 -10.17 18.33 14.25
C VAL B 329 -11.21 17.46 14.96
N ARG B 330 -11.95 18.07 15.88
CA ARG B 330 -13.05 17.38 16.54
C ARG B 330 -14.32 17.44 15.71
N ILE B 331 -14.87 16.28 15.40
CA ILE B 331 -16.12 16.18 14.67
C ILE B 331 -17.21 15.77 15.67
N GLU B 332 -18.13 16.70 15.92
CA GLU B 332 -19.18 16.50 16.90
C GLU B 332 -20.08 15.33 16.53
N ALA B 333 -20.59 14.65 17.55
CA ALA B 333 -21.65 13.67 17.35
C ALA B 333 -22.80 14.39 16.66
N GLY B 334 -23.35 13.76 15.61
CA GLY B 334 -24.46 14.36 14.88
C GLY B 334 -24.02 15.03 13.59
N GLN B 335 -22.72 15.35 13.50
CA GLN B 335 -22.18 16.00 12.31
C GLN B 335 -21.94 15.00 11.18
N THR B 336 -21.93 15.50 9.95
CA THR B 336 -21.77 14.66 8.77
C THR B 336 -20.32 14.69 8.27
N LEU B 337 -19.83 13.54 7.83
CA LEU B 337 -18.51 13.44 7.21
C LEU B 337 -18.64 13.00 5.76
N ALA B 338 -17.91 13.69 4.89
CA ALA B 338 -17.79 13.27 3.49
C ALA B 338 -16.42 12.64 3.32
N LEU B 339 -16.40 11.33 3.08
CA LEU B 339 -15.14 10.61 2.88
C LEU B 339 -14.80 10.61 1.40
N PHE B 340 -13.80 11.40 1.02
CA PHE B 340 -13.46 11.55 -0.40
C PHE B 340 -12.59 10.41 -0.91
N LEU B 341 -13.24 9.32 -1.33
CA LEU B 341 -12.57 8.14 -1.86
C LEU B 341 -11.72 8.52 -3.07
N GLY B 342 -12.21 9.46 -3.87
CA GLY B 342 -11.50 9.94 -5.04
C GLY B 342 -10.18 10.59 -4.70
N SER B 343 -10.15 11.31 -3.57
CA SER B 343 -8.93 11.95 -3.11
C SER B 343 -7.97 10.93 -2.52
N ALA B 344 -8.52 9.99 -1.76
CA ALA B 344 -7.74 8.93 -1.14
C ALA B 344 -7.03 8.07 -2.19
N ASN B 345 -7.71 7.85 -3.31
CA ASN B 345 -7.17 7.03 -4.39
C ASN B 345 -5.96 7.63 -5.10
N ARG B 346 -5.74 8.93 -4.88
CA ARG B 346 -4.57 9.59 -5.46
C ARG B 346 -3.69 10.18 -4.37
N ASP B 347 -3.72 9.54 -3.19
CA ASP B 347 -2.88 9.94 -2.07
C ASP B 347 -1.46 9.42 -2.29
N ALA B 348 -0.50 10.32 -2.40
CA ALA B 348 0.87 9.93 -2.71
C ALA B 348 1.53 9.12 -1.59
N ASN B 349 0.97 9.19 -0.38
CA ASN B 349 1.49 8.43 0.73
C ASN B 349 0.99 6.98 0.76
N MET B 350 0.22 6.63 -0.27
CA MET B 350 -0.26 5.26 -0.46
C MET B 350 0.08 4.76 -1.86
N PHE B 351 -0.07 5.65 -2.85
CA PHE B 351 0.15 5.29 -4.24
C PHE B 351 1.24 6.16 -4.87
N GLU B 352 2.39 5.55 -5.14
CA GLU B 352 3.53 6.25 -5.73
C GLU B 352 3.18 6.81 -7.11
N ARG B 353 3.48 8.10 -7.32
CA ARG B 353 3.08 8.82 -8.53
C ARG B 353 1.59 8.61 -8.80
N PRO B 354 0.74 9.09 -7.87
CA PRO B 354 -0.68 8.74 -7.89
C PRO B 354 -1.41 9.19 -9.15
N ASN B 355 -0.88 10.21 -9.82
CA ASN B 355 -1.53 10.77 -11.01
C ASN B 355 -1.09 10.09 -12.30
N ASP B 356 -0.35 8.99 -12.17
CA ASP B 356 -0.03 8.15 -13.32
C ASP B 356 -1.00 6.96 -13.39
N PHE B 357 -1.51 6.70 -14.58
CA PHE B 357 -2.31 5.52 -14.86
C PHE B 357 -1.32 4.41 -15.23
N ASP B 358 -1.13 3.45 -14.33
CA ASP B 358 -0.08 2.44 -14.48
C ASP B 358 -0.58 1.02 -14.14
N LEU B 359 -0.67 0.17 -15.15
CA LEU B 359 -1.18 -1.19 -14.94
C LEU B 359 -0.17 -2.09 -14.20
N ASP B 360 1.07 -1.61 -14.09
CA ASP B 360 2.12 -2.34 -13.38
C ASP B 360 2.17 -1.98 -11.90
N ARG B 361 1.37 -0.99 -11.49
CA ARG B 361 1.27 -0.60 -10.09
C ARG B 361 0.91 -1.81 -9.25
N PRO B 362 1.67 -2.06 -8.17
CA PRO B 362 1.53 -3.32 -7.43
C PRO B 362 0.37 -3.33 -6.44
N ASN B 363 -0.10 -2.17 -6.00
CA ASN B 363 -1.12 -2.11 -4.96
C ASN B 363 -2.44 -1.43 -5.39
N SER B 364 -2.78 -1.56 -6.67
CA SER B 364 -4.01 -0.96 -7.18
C SER B 364 -5.24 -1.47 -6.45
N ALA B 365 -5.17 -2.69 -5.93
CA ALA B 365 -6.31 -3.32 -5.25
C ALA B 365 -6.71 -2.62 -3.96
N ARG B 366 -5.87 -1.73 -3.46
CA ARG B 366 -6.13 -1.07 -2.19
C ARG B 366 -6.93 0.23 -2.36
N HIS B 367 -7.43 0.46 -3.57
CA HIS B 367 -8.29 1.62 -3.82
C HIS B 367 -9.57 1.58 -2.99
N LEU B 368 -10.21 2.73 -2.83
CA LEU B 368 -11.41 2.82 -2.00
C LEU B 368 -12.66 3.10 -2.84
N SER B 369 -12.58 2.82 -4.14
CA SER B 369 -13.69 3.12 -5.06
C SER B 369 -14.90 2.24 -4.78
N PHE B 370 -14.67 1.10 -4.14
CA PHE B 370 -15.75 0.24 -3.68
C PHE B 370 -15.94 0.36 -2.17
N GLY B 371 -15.35 1.40 -1.57
CA GLY B 371 -15.35 1.52 -0.13
C GLY B 371 -14.49 0.45 0.50
N GLN B 372 -14.75 0.14 1.77
CA GLN B 372 -13.91 -0.81 2.50
C GLN B 372 -14.59 -1.27 3.79
N GLY B 373 -14.43 -2.54 4.14
CA GLY B 373 -14.97 -3.06 5.38
C GLY B 373 -16.42 -3.51 5.29
N VAL B 374 -17.23 -3.09 6.27
CA VAL B 374 -18.62 -3.50 6.42
C VAL B 374 -19.48 -3.23 5.19
N HIS B 375 -19.33 -2.04 4.61
CA HIS B 375 -20.21 -1.63 3.51
C HIS B 375 -19.58 -1.74 2.13
N ALA B 376 -18.47 -2.48 2.03
CA ALA B 376 -17.77 -2.66 0.76
C ALA B 376 -18.70 -3.18 -0.34
N CYS B 377 -18.57 -2.61 -1.53
CA CYS B 377 -19.52 -2.83 -2.63
C CYS B 377 -19.90 -4.28 -2.87
N LEU B 378 -21.20 -4.56 -2.79
CA LEU B 378 -21.72 -5.91 -2.96
C LEU B 378 -21.38 -6.46 -4.34
N ALA B 379 -21.27 -5.57 -5.32
CA ALA B 379 -21.05 -5.99 -6.71
C ALA B 379 -19.59 -5.81 -7.18
N ALA B 380 -18.67 -5.65 -6.25
CA ALA B 380 -17.27 -5.35 -6.58
C ALA B 380 -16.67 -6.31 -7.62
N GLN B 381 -16.80 -7.61 -7.37
CA GLN B 381 -16.28 -8.63 -8.29
C GLN B 381 -16.97 -8.57 -9.66
N LEU B 382 -18.29 -8.50 -9.65
CA LEU B 382 -19.08 -8.46 -10.87
C LEU B 382 -18.65 -7.28 -11.76
N ILE B 383 -18.57 -6.11 -11.14
CA ILE B 383 -18.15 -4.90 -11.82
C ILE B 383 -16.72 -5.03 -12.34
N SER B 384 -15.84 -5.60 -11.52
CA SER B 384 -14.45 -5.78 -11.92
C SER B 384 -14.35 -6.64 -13.18
N LEU B 385 -15.15 -7.70 -13.22
CA LEU B 385 -15.21 -8.59 -14.39
C LEU B 385 -15.73 -7.86 -15.61
N GLN B 386 -16.78 -7.05 -15.40
CA GLN B 386 -17.35 -6.25 -16.47
C GLN B 386 -16.27 -5.34 -17.10
N LEU B 387 -15.57 -4.61 -16.24
CA LEU B 387 -14.48 -3.74 -16.67
C LEU B 387 -13.44 -4.51 -17.46
N LYS B 388 -12.90 -5.56 -16.84
CA LYS B 388 -11.88 -6.40 -17.47
C LYS B 388 -12.28 -6.83 -18.87
N TRP B 389 -13.44 -7.47 -19.00
CA TRP B 389 -13.87 -7.95 -20.31
C TRP B 389 -14.13 -6.84 -21.33
N PHE B 390 -14.65 -5.71 -20.86
CA PHE B 390 -14.82 -4.58 -21.75
C PHE B 390 -13.48 -4.14 -22.34
N TYR B 391 -12.48 -3.93 -21.47
CA TYR B 391 -11.18 -3.47 -21.97
C TYR B 391 -10.47 -4.52 -22.83
N VAL B 392 -10.67 -5.79 -22.51
CA VAL B 392 -10.17 -6.87 -23.36
C VAL B 392 -10.74 -6.74 -24.78
N ALA B 393 -12.07 -6.75 -24.89
CA ALA B 393 -12.70 -6.64 -26.20
C ALA B 393 -12.26 -5.38 -26.96
N LEU B 394 -12.37 -4.23 -26.28
CA LEU B 394 -12.08 -2.95 -26.90
C LEU B 394 -10.64 -2.82 -27.39
N LEU B 395 -9.68 -3.13 -26.51
CA LEU B 395 -8.28 -2.96 -26.85
C LEU B 395 -7.79 -4.06 -27.79
N ASN B 396 -8.51 -5.18 -27.83
CA ASN B 396 -8.18 -6.18 -28.84
C ASN B 396 -8.69 -5.79 -30.21
N ARG B 397 -9.83 -5.09 -30.27
CA ARG B 397 -10.30 -4.62 -31.58
C ARG B 397 -9.76 -3.25 -32.00
N PHE B 398 -9.79 -2.28 -31.09
CA PHE B 398 -9.29 -0.94 -31.42
C PHE B 398 -8.19 -0.47 -30.46
N PRO B 399 -6.99 -1.07 -30.56
CA PRO B 399 -5.91 -0.72 -29.62
C PRO B 399 -5.40 0.71 -29.79
N GLY B 400 -5.76 1.36 -30.90
CA GLY B 400 -5.23 2.68 -31.19
C GLY B 400 -6.16 3.84 -30.88
N ILE B 401 -7.04 3.67 -29.88
CA ILE B 401 -7.98 4.72 -29.51
C ILE B 401 -7.29 6.00 -29.02
N ARG B 402 -7.79 7.13 -29.50
CA ARG B 402 -7.34 8.44 -29.03
C ARG B 402 -8.57 9.31 -28.86
N THR B 403 -8.43 10.38 -28.09
CA THR B 403 -9.50 11.37 -27.99
C THR B 403 -9.60 12.15 -29.30
N ALA B 404 -10.82 12.42 -29.74
CA ALA B 404 -11.03 13.22 -30.95
C ALA B 404 -11.84 14.47 -30.60
N GLY B 405 -11.38 15.17 -29.57
CA GLY B 405 -12.07 16.35 -29.04
C GLY B 405 -11.98 16.32 -27.53
N GLU B 406 -12.43 17.38 -26.87
CA GLU B 406 -12.36 17.44 -25.41
C GLU B 406 -13.47 16.61 -24.76
N PRO B 407 -13.08 15.67 -23.87
CA PRO B 407 -14.07 14.89 -23.12
C PRO B 407 -14.95 15.79 -22.26
N ILE B 408 -16.23 15.47 -22.16
CA ILE B 408 -17.19 16.31 -21.47
C ILE B 408 -17.71 15.62 -20.20
N TRP B 409 -17.56 16.29 -19.06
CA TRP B 409 -18.01 15.74 -17.79
C TRP B 409 -19.39 16.25 -17.39
N ASN B 410 -20.18 15.39 -16.74
CA ASN B 410 -21.40 15.85 -16.08
C ASN B 410 -21.01 16.77 -14.94
N GLU B 411 -21.95 17.57 -14.47
CA GLU B 411 -21.64 18.62 -13.50
C GLU B 411 -21.59 18.16 -12.06
N ASN B 412 -21.69 16.86 -11.83
CA ASN B 412 -21.85 16.34 -10.48
C ASN B 412 -20.60 15.63 -9.95
N LEU B 413 -20.16 16.03 -8.77
CA LEU B 413 -18.92 15.52 -8.18
C LEU B 413 -19.10 14.20 -7.45
N GLU B 414 -20.20 14.07 -6.71
CA GLU B 414 -20.45 12.88 -5.89
C GLU B 414 -20.49 11.63 -6.74
N PHE B 415 -21.28 11.68 -7.81
CA PHE B 415 -21.29 10.62 -8.82
C PHE B 415 -20.72 11.18 -10.11
N ARG B 416 -19.39 11.22 -10.18
CA ARG B 416 -18.67 11.86 -11.28
C ARG B 416 -18.64 10.94 -12.49
N SER B 417 -19.05 11.46 -13.65
CA SER B 417 -19.06 10.66 -14.86
C SER B 417 -19.01 11.52 -16.11
N LEU B 418 -18.40 10.98 -17.17
CA LEU B 418 -18.35 11.65 -18.46
C LEU B 418 -19.72 11.63 -19.12
N ARG B 419 -20.12 12.77 -19.69
CA ARG B 419 -21.34 12.85 -20.47
C ARG B 419 -21.02 12.49 -21.92
N SER B 420 -19.86 12.93 -22.38
CA SER B 420 -19.43 12.69 -23.75
C SER B 420 -17.94 12.36 -23.81
N LEU B 421 -17.58 11.37 -24.61
CA LEU B 421 -16.18 11.01 -24.81
C LEU B 421 -15.92 10.73 -26.28
N PRO B 422 -15.57 11.78 -27.06
CA PRO B 422 -15.27 11.62 -28.48
C PRO B 422 -13.98 10.84 -28.68
N LEU B 423 -14.03 9.81 -29.51
CA LEU B 423 -12.92 8.88 -29.65
C LEU B 423 -12.68 8.53 -31.11
N SER B 424 -11.41 8.58 -31.52
CA SER B 424 -10.99 7.97 -32.77
C SER B 424 -10.65 6.51 -32.45
N LEU B 425 -11.06 5.60 -33.32
CA LEU B 425 -10.90 4.18 -33.04
C LEU B 425 -9.60 3.58 -33.59
FE HEB C . 21.44 -0.32 4.17
CHA HEB C . 21.69 3.13 4.22
CHB HEB C . 19.15 -0.19 6.78
CHC HEB C . 21.16 -3.78 4.07
CHD HEB C . 24.01 -0.46 1.82
NA HEB C . 20.56 1.21 5.31
C1A HEB C . 20.77 2.54 5.22
C2A HEB C . 20.01 3.38 6.17
C3A HEB C . 19.25 2.38 6.94
C4A HEB C . 19.68 1.10 6.32
CMA HEB C . 18.29 2.62 8.06
CAA HEB C . 20.00 4.88 6.33
CBA HEB C . 20.82 5.24 7.56
CGA HEB C . 20.91 6.74 7.67
O1A HEB C . 21.70 7.24 8.51
O2A HEB C . 20.19 7.44 6.92
NB HEB C . 20.34 -1.75 5.24
C1B HEB C . 19.47 -1.53 6.26
C2B HEB C . 18.84 -2.75 6.82
C3B HEB C . 19.44 -3.83 6.01
C4B HEB C . 20.34 -3.09 5.08
CMB HEB C . 17.84 -2.81 7.95
CAB HEB C . 19.22 -5.32 6.08
CBB HEB C . 17.76 -5.71 6.18
NC HEB C . 22.42 -1.86 3.12
C1C HEB C . 22.19 -3.20 3.20
C2C HEB C . 23.05 -4.06 2.32
C3C HEB C . 23.87 -3.03 1.66
C4C HEB C . 23.42 -1.75 2.22
CMC HEB C . 23.06 -5.55 2.15
CAC HEB C . 24.95 -3.23 0.67
CBC HEB C . 24.80 -2.81 -0.58
ND HEB C . 22.63 1.09 3.19
C1D HEB C . 23.61 0.87 2.28
C2D HEB C . 24.30 2.08 1.77
C3D HEB C . 23.61 3.16 2.48
C4D HEB C . 22.62 2.43 3.32
CMD HEB C . 25.42 2.17 0.76
CAD HEB C . 23.85 4.64 2.39
CBD HEB C . 23.00 5.25 1.28
CGD HEB C . 23.29 6.73 1.19
O1D HEB C . 23.88 7.29 2.14
O2D HEB C . 22.93 7.34 0.16
N1 IMD D . 23.00 -0.01 6.40
C2 IMD D . 23.04 -0.30 7.73
N3 IMD D . 24.33 -0.54 8.08
C4 IMD D . 25.10 -0.40 6.97
C5 IMD D . 24.26 -0.05 5.91
N1 IMD E . 45.69 5.86 15.35
C2 IMD E . 46.28 5.94 14.13
N3 IMD E . 46.60 7.23 13.87
C4 IMD E . 46.20 7.98 14.94
C5 IMD E . 45.63 7.12 15.87
FE HEB F . -21.73 -0.43 -5.13
CHA HEB F . -21.76 -0.10 -1.68
CHB HEB F . -19.13 1.88 -5.32
CHC HEB F . -21.70 -0.75 -8.59
CHD HEB F . -24.53 -2.46 -4.95
NA HEB F . -20.62 0.69 -3.74
C1A HEB F . -20.76 0.71 -2.39
C2A HEB F . -19.84 1.61 -1.67
C3A HEB F . -19.05 2.21 -2.75
C4A HEB F . -19.63 1.57 -3.96
CMA HEB F . -17.94 3.22 -2.65
CAA HEB F . -19.75 1.84 -0.18
CBA HEB F . -20.75 2.91 0.25
CGA HEB F . -20.34 3.42 1.61
O1A HEB F . -19.55 2.70 2.27
O2A HEB F . -20.75 4.52 2.02
NB HEB F . -20.60 0.42 -6.68
C1B HEB F . -19.60 1.33 -6.59
C2B HEB F . -19.00 1.74 -7.88
C3B HEB F . -19.76 0.95 -8.87
C4B HEB F . -20.71 0.19 -8.01
CMB HEB F . -17.87 2.72 -8.10
CAB HEB F . -19.65 0.91 -10.37
CBB HEB F . -18.23 0.72 -10.83
NC HEB F . -22.92 -1.43 -6.54
C1C HEB F . -22.78 -1.47 -7.88
C2C HEB F . -23.79 -2.28 -8.63
C3C HEB F . -24.61 -2.79 -7.51
C4C HEB F . -24.00 -2.20 -6.30
CMC HEB F . -23.93 -2.53 -10.11
CAC HEB F . -25.80 -3.66 -7.57
CBC HEB F . -25.76 -4.88 -7.07
ND HEB F . -22.93 -1.16 -3.58
C1D HEB F . -24.01 -1.96 -3.68
C2D HEB F . -24.68 -2.31 -2.39
C3D HEB F . -23.84 -1.60 -1.42
C4D HEB F . -22.81 -0.94 -2.26
CMD HEB F . -25.89 -3.16 -2.16
CAD HEB F . -23.98 -1.56 0.09
CBD HEB F . -23.23 -2.75 0.66
CGD HEB F . -23.40 -2.76 2.16
O1D HEB F . -23.83 -1.72 2.72
O2D HEB F . -23.10 -3.79 2.78
N1 IMD G . -22.70 2.04 -5.67
C2 IMD G . -23.46 2.34 -4.59
N3 IMD G . -24.64 2.85 -5.03
C4 IMD G . -24.62 2.87 -6.39
C5 IMD G . -23.39 2.36 -6.80
#